data_1QFW
#
_entry.id   1QFW
#
_cell.length_a   104.900
_cell.length_b   104.900
_cell.length_c   150.100
_cell.angle_alpha   90.00
_cell.angle_beta   90.00
_cell.angle_gamma   120.00
#
_symmetry.space_group_name_H-M   'P 31 2 1'
#
loop_
_entity.id
_entity.type
_entity.pdbx_description
1 polymer 'GONADOTROPIN ALPHA SUBUNIT'
2 polymer 'GONADOTROPHIN BETA SUBUNIT'
3 polymer 'ANTIBODY (ANTI ALPHA SUBUNIT) (LIGHT CHAIN)'
4 polymer 'ANTIBODY (ANTI ALPHA SUBUNIT) (HEAVY CHAIN)'
5 polymer 'ANTIBODY (ANTI BETA SUBUNIT) (LIGHT CHAIN)'
6 polymer 'ANTIBODY (ANTI BETA SUBUNIT) (HEAVY CHAIN)'
7 non-polymer 2-acetamido-2-deoxy-beta-D-glucopyranose
#
loop_
_entity_poly.entity_id
_entity_poly.type
_entity_poly.pdbx_seq_one_letter_code
_entity_poly.pdbx_strand_id
1 'polypeptide(L)'
;APDTQDCPECTLQENPFFSQPGAPILQCMGCCFSRAYPTPLRSKKTMLVQKNVTSESTCCVAKSYNRVTVMGGFKVENHT
ACHCSTCYYHKS
;
A
2 'polypeptide(L)'
;SKEPLRPRCRPINATLAVEKEGCPVCITVNTTICAGYCPTMTRVLQGVLPALPQVVCNYRDVRFESIRLPGCPRGVNPVV
SYAVALSCQCALCRRSTTDCGGPKDHPLTCDDPRFQDSSSSKAPPPSLPSPSRLPGPSDTPILPQ
;
B
3 'polypeptide(L)'
;DIELTQSPDSLAVSLGQRATISCRASESVDSYGNSFMQWYQQKPGQPPKLLIYRASNLESGIPARFSGTGSRTDFTLTIN
PVEADDVATYYCQQSDEYPYMYTFGGGTKLEIKR
;
L
4 'polypeptide(L)'
;QVQLQQSGAELVKPGASVKLSCKASDYTFTSYWMHWVKQRPGQGLEWIGEINPTNGRTYYNEKFKSKATLTVAASASTAA
MQASSLTSEDSAVYYCARRYGNSFDYWGQGTTVTVSS
;
H
5 'polypeptide(L)'
;DIELTQSPKSMSMSVGERVTLSCKASETVDSFVSWYQQKPEQSPKLLIFGASNRFSGVPDRFTGSGSATDFTLTISSVQA
EDFADYHCGQTYNHPYTFGGGTKLEIKR
;
M
6 'polypeptide(L)'
;QVQLQESGGHLVKPGGSLKLSCAASGFAFSSFDMSWIRQTPEKRLEWVASITNVGTYTYYPGSVKGRFSISRDNARNTLN
LQMSSLRSEDTALYFCARQGTAAQPYWYFDVWGAGTTVTVSS
;
I
#
# COMPACT_ATOMS: atom_id res chain seq x y z
N ASP A 6 -2.01 2.18 -22.65
CA ASP A 6 -2.65 0.87 -22.32
C ASP A 6 -3.59 0.89 -21.10
N CYS A 7 -3.95 2.08 -20.62
CA CYS A 7 -4.90 2.18 -19.51
C CYS A 7 -5.96 3.26 -19.78
N PRO A 8 -7.24 2.84 -19.92
CA PRO A 8 -8.51 3.54 -20.20
C PRO A 8 -8.80 4.90 -19.60
N GLU A 9 -9.35 5.78 -20.43
CA GLU A 9 -9.70 7.12 -20.01
C GLU A 9 -10.84 7.04 -19.01
N CYS A 10 -10.77 7.89 -17.99
CA CYS A 10 -11.80 7.95 -16.97
C CYS A 10 -13.05 8.51 -17.63
N THR A 11 -13.92 7.61 -18.08
CA THR A 11 -15.15 7.98 -18.76
C THR A 11 -16.33 7.18 -18.18
N LEU A 12 -17.52 7.39 -18.73
CA LEU A 12 -18.73 6.69 -18.26
C LEU A 12 -18.73 5.26 -18.78
N GLN A 13 -19.24 4.34 -17.98
CA GLN A 13 -19.30 2.95 -18.39
C GLN A 13 -20.47 2.21 -17.79
N GLU A 14 -21.20 1.49 -18.64
CA GLU A 14 -22.38 0.74 -18.21
C GLU A 14 -22.06 -0.25 -17.10
N ASN A 15 -22.91 -0.23 -16.07
CA ASN A 15 -22.82 -1.09 -14.88
C ASN A 15 -24.00 -2.06 -14.98
N PRO A 16 -23.77 -3.27 -15.53
CA PRO A 16 -24.77 -4.33 -15.72
C PRO A 16 -25.69 -4.67 -14.58
N PHE A 17 -25.11 -4.61 -13.38
CA PHE A 17 -25.76 -4.91 -12.07
C PHE A 17 -26.94 -4.06 -11.60
N PHE A 18 -26.89 -2.80 -11.98
CA PHE A 18 -27.97 -1.91 -11.66
C PHE A 18 -28.58 -1.50 -13.02
N SER A 19 -27.78 -1.59 -14.09
CA SER A 19 -28.22 -1.25 -15.44
C SER A 19 -29.21 -2.30 -15.91
N GLN A 20 -30.23 -1.85 -16.62
CA GLN A 20 -31.23 -2.74 -17.19
C GLN A 20 -31.70 -2.01 -18.45
N PRO A 21 -31.85 -2.70 -19.58
CA PRO A 21 -32.27 -2.12 -20.82
C PRO A 21 -33.35 -1.05 -20.72
N GLY A 22 -33.08 0.11 -21.32
CA GLY A 22 -34.04 1.21 -21.25
C GLY A 22 -33.80 1.98 -19.98
N ALA A 23 -32.97 1.39 -19.13
CA ALA A 23 -32.59 1.97 -17.86
C ALA A 23 -31.11 1.63 -17.61
N PRO A 24 -30.21 2.11 -18.48
CA PRO A 24 -28.78 1.85 -18.32
C PRO A 24 -28.21 2.77 -17.24
N ILE A 25 -27.48 2.18 -16.28
CA ILE A 25 -26.84 2.91 -15.17
C ILE A 25 -25.36 3.02 -15.52
N LEU A 26 -24.89 4.26 -15.67
CA LEU A 26 -23.51 4.55 -16.02
C LEU A 26 -22.68 4.93 -14.78
N GLN A 27 -21.46 4.40 -14.71
CA GLN A 27 -20.56 4.64 -13.60
C GLN A 27 -19.24 5.20 -14.15
N CYS A 28 -18.64 6.15 -13.44
CA CYS A 28 -17.37 6.76 -13.85
C CYS A 28 -16.21 5.84 -13.50
N MET A 29 -15.33 5.57 -14.45
CA MET A 29 -14.15 4.75 -14.16
C MET A 29 -13.13 4.80 -15.28
N GLY A 30 -11.87 4.97 -14.91
CA GLY A 30 -10.82 5.09 -15.91
C GLY A 30 -9.51 5.53 -15.28
N CYS A 31 -8.67 6.11 -16.12
CA CYS A 31 -7.32 6.46 -15.73
C CYS A 31 -6.95 7.96 -15.71
N CYS A 32 -6.18 8.38 -14.70
CA CYS A 32 -5.73 9.77 -14.56
C CYS A 32 -4.21 9.88 -14.36
N PHE A 33 -3.66 11.05 -14.65
CA PHE A 33 -2.22 11.25 -14.55
C PHE A 33 -1.72 11.43 -13.15
N SER A 34 -0.56 10.83 -12.89
CA SER A 34 0.06 10.88 -11.60
C SER A 34 1.51 11.14 -11.71
N ARG A 35 2.03 11.60 -10.59
CA ARG A 35 3.42 11.91 -10.51
C ARG A 35 3.93 11.91 -9.08
N ALA A 36 5.09 11.27 -8.90
CA ALA A 36 5.81 11.13 -7.64
C ALA A 36 7.30 11.36 -7.88
N TYR A 37 7.90 12.22 -7.08
CA TYR A 37 9.31 12.57 -7.22
C TYR A 37 9.87 13.02 -5.87
N PRO A 38 11.20 13.10 -5.76
CA PRO A 38 11.82 13.54 -4.49
C PRO A 38 11.35 14.94 -4.12
N THR A 39 10.95 15.11 -2.86
CA THR A 39 10.47 16.39 -2.35
C THR A 39 11.54 17.46 -2.52
N PRO A 40 11.24 18.53 -3.28
CA PRO A 40 12.22 19.62 -3.50
C PRO A 40 12.59 20.25 -2.16
N LEU A 41 13.88 20.37 -1.89
CA LEU A 41 14.38 20.96 -0.65
C LEU A 41 13.65 22.23 -0.25
N ARG A 42 13.38 23.07 -1.22
CA ARG A 42 12.68 24.32 -0.98
C ARG A 42 11.39 24.10 -0.23
N SER A 43 10.68 23.04 -0.56
CA SER A 43 9.45 22.76 0.15
C SER A 43 9.77 21.90 1.41
N LYS A 44 10.81 21.10 1.33
CA LYS A 44 11.12 20.26 2.47
C LYS A 44 11.28 21.06 3.79
N LYS A 45 11.33 22.38 3.69
CA LYS A 45 11.50 23.23 4.86
C LYS A 45 10.21 23.77 5.44
N THR A 46 9.16 23.81 4.62
CA THR A 46 7.87 24.31 5.11
C THR A 46 7.19 23.19 5.90
N MET A 47 7.75 21.99 5.78
CA MET A 47 7.18 20.82 6.44
C MET A 47 7.36 20.61 7.92
N LEU A 48 6.23 20.42 8.60
CA LEU A 48 6.21 20.13 10.02
C LEU A 48 6.79 18.75 10.16
N VAL A 49 6.39 17.88 9.23
CA VAL A 49 6.85 16.48 9.22
C VAL A 49 7.47 16.15 7.86
N GLN A 50 8.77 16.44 7.73
CA GLN A 50 9.57 16.30 6.50
C GLN A 50 9.44 14.94 5.83
N LYS A 51 8.53 14.83 4.89
CA LYS A 51 8.35 13.57 4.21
C LYS A 51 9.65 13.47 3.27
N ASN A 52 9.61 12.79 2.15
CA ASN A 52 10.80 12.79 1.29
C ASN A 52 10.42 12.46 -0.15
N VAL A 53 9.18 12.03 -0.43
CA VAL A 53 8.69 11.73 -1.81
C VAL A 53 7.37 12.48 -2.09
N THR A 54 7.45 13.60 -2.79
CA THR A 54 6.25 14.41 -3.10
C THR A 54 5.39 13.64 -4.09
N SER A 55 4.08 13.81 -4.02
CA SER A 55 3.25 13.11 -4.96
C SER A 55 2.12 13.98 -5.41
N GLU A 56 1.93 14.04 -6.73
CA GLU A 56 0.85 14.82 -7.36
C GLU A 56 -0.04 13.75 -7.93
N SER A 57 -1.32 13.77 -7.58
CA SER A 57 -2.15 12.69 -8.07
C SER A 57 -3.61 13.02 -8.22
N THR A 58 -4.10 12.90 -9.44
CA THR A 58 -5.50 13.11 -9.76
C THR A 58 -6.19 11.74 -9.83
N CYS A 59 -7.50 11.71 -9.58
CA CYS A 59 -8.24 10.46 -9.61
C CYS A 59 -9.64 10.57 -10.16
N CYS A 60 -9.99 9.59 -10.96
CA CYS A 60 -11.27 9.55 -11.64
C CYS A 60 -12.48 9.72 -10.71
N VAL A 61 -13.27 10.76 -10.95
CA VAL A 61 -14.47 11.05 -10.16
C VAL A 61 -15.62 11.61 -11.00
N ALA A 62 -16.84 11.32 -10.57
CA ALA A 62 -18.03 11.80 -11.27
C ALA A 62 -18.17 13.26 -10.95
N LYS A 63 -18.47 14.10 -11.94
CA LYS A 63 -18.59 15.53 -11.66
C LYS A 63 -20.05 15.97 -11.62
N SER A 64 -20.89 15.11 -12.20
CA SER A 64 -22.32 15.37 -12.22
C SER A 64 -22.99 13.99 -12.03
N TYR A 65 -23.92 13.86 -11.10
CA TYR A 65 -24.60 12.58 -10.92
C TYR A 65 -26.01 12.80 -10.42
N ASN A 66 -26.96 12.27 -11.18
CA ASN A 66 -28.37 12.34 -10.85
C ASN A 66 -28.62 11.14 -9.96
N ARG A 67 -29.65 11.21 -9.12
CA ARG A 67 -29.97 10.08 -8.25
C ARG A 67 -31.24 9.44 -8.74
N VAL A 68 -31.14 8.17 -9.15
CA VAL A 68 -32.27 7.41 -9.67
C VAL A 68 -32.56 6.19 -8.83
N THR A 69 -33.68 5.54 -9.10
CA THR A 69 -34.08 4.34 -8.36
C THR A 69 -34.14 3.15 -9.33
N VAL A 70 -33.58 2.00 -8.92
CA VAL A 70 -33.58 0.80 -9.75
C VAL A 70 -34.55 -0.29 -9.30
N MET A 71 -34.80 -1.24 -10.21
CA MET A 71 -35.72 -2.39 -10.00
C MET A 71 -35.96 -2.90 -8.58
N GLY A 72 -34.90 -3.04 -7.80
CA GLY A 72 -35.09 -3.49 -6.43
C GLY A 72 -35.21 -2.23 -5.60
N GLY A 73 -36.41 -1.88 -5.13
CA GLY A 73 -36.63 -0.67 -4.32
C GLY A 73 -35.53 0.38 -4.15
N PHE A 74 -34.42 0.00 -3.52
CA PHE A 74 -33.24 0.85 -3.27
C PHE A 74 -32.74 1.70 -4.42
N LYS A 75 -32.27 2.91 -4.13
CA LYS A 75 -31.79 3.81 -5.17
C LYS A 75 -30.26 3.99 -5.25
N VAL A 76 -29.76 4.15 -6.47
CA VAL A 76 -28.34 4.27 -6.75
C VAL A 76 -27.98 5.63 -7.34
N GLU A 77 -26.68 5.87 -7.53
CA GLU A 77 -26.17 7.10 -8.13
C GLU A 77 -25.90 6.83 -9.59
N ASN A 78 -26.43 7.69 -10.45
CA ASN A 78 -26.23 7.55 -11.88
C ASN A 78 -25.26 8.63 -12.31
N HIS A 79 -24.17 8.24 -12.95
CA HIS A 79 -23.20 9.24 -13.37
C HIS A 79 -23.46 9.86 -14.77
N THR A 80 -23.39 11.19 -14.85
CA THR A 80 -23.65 11.93 -16.09
C THR A 80 -22.39 12.49 -16.76
N ALA A 81 -21.30 12.58 -16.01
CA ALA A 81 -20.04 13.10 -16.53
C ALA A 81 -18.87 12.69 -15.67
N CYS A 82 -17.68 12.65 -16.27
CA CYS A 82 -16.48 12.28 -15.54
C CYS A 82 -15.30 13.22 -15.81
N HIS A 83 -14.55 13.56 -14.77
CA HIS A 83 -13.39 14.44 -14.89
C HIS A 83 -12.31 14.10 -13.84
N CYS A 84 -11.05 14.04 -14.24
CA CYS A 84 -9.98 13.72 -13.29
C CYS A 84 -9.92 14.85 -12.28
N SER A 85 -10.14 14.55 -11.01
CA SER A 85 -10.10 15.59 -10.00
C SER A 85 -9.40 15.24 -8.71
N THR A 86 -9.36 16.23 -7.81
CA THR A 86 -8.71 16.09 -6.51
C THR A 86 -9.01 14.75 -5.88
N CYS A 87 -7.94 13.98 -5.69
CA CYS A 87 -8.02 12.65 -5.11
C CYS A 87 -8.28 12.72 -3.63
N TYR A 88 -9.13 11.83 -3.13
CA TYR A 88 -9.46 11.84 -1.70
C TYR A 88 -9.32 10.49 -0.98
N TYR A 89 -9.07 9.40 -1.69
CA TYR A 89 -9.02 8.09 -1.01
C TYR A 89 -7.69 7.34 -1.10
N HIS A 90 -6.72 8.04 -1.64
CA HIS A 90 -5.43 7.49 -1.83
C HIS A 90 -4.68 7.21 -0.58
N LYS A 91 -4.79 8.21 0.26
CA LYS A 91 -3.97 8.15 1.41
C LYS A 91 -4.07 6.98 2.18
N SER A 92 -2.91 6.41 2.44
CA SER A 92 -2.85 5.32 3.36
C SER A 92 -1.70 5.38 4.53
N LYS B 2 4.79 0.56 -19.96
CA LYS B 2 5.22 1.17 -21.20
C LYS B 2 4.85 0.31 -22.48
N GLU B 3 3.62 0.57 -22.90
CA GLU B 3 2.98 0.15 -24.17
C GLU B 3 2.39 1.73 -24.52
N PRO B 4 1.38 2.05 -25.19
CA PRO B 4 0.86 3.49 -25.96
C PRO B 4 0.60 5.11 -25.65
N LEU B 5 -0.31 5.54 -25.91
CA LEU B 5 -0.50 7.02 -25.66
C LEU B 5 -1.54 7.02 -24.51
N ARG B 6 -1.87 6.58 -23.56
CA ARG B 6 -2.67 7.00 -22.45
C ARG B 6 -1.94 6.53 -21.19
N PRO B 7 -0.24 6.42 -21.40
CA PRO B 7 0.59 5.30 -20.84
C PRO B 7 0.39 5.05 -19.35
N ARG B 8 0.60 3.72 -19.00
CA ARG B 8 0.68 3.18 -17.62
C ARG B 8 2.12 3.34 -17.03
N CYS B 9 1.88 3.48 -15.75
CA CYS B 9 2.90 3.87 -14.92
C CYS B 9 3.92 2.98 -15.16
N ARG B 10 4.81 3.85 -15.73
CA ARG B 10 6.19 3.85 -16.32
C ARG B 10 7.22 4.88 -15.76
N PRO B 11 8.39 4.38 -15.46
CA PRO B 11 9.46 5.22 -14.92
C PRO B 11 9.89 6.10 -16.14
N ILE B 12 10.06 7.41 -15.92
CA ILE B 12 10.46 8.31 -16.99
C ILE B 12 11.69 9.11 -16.62
N ASN B 13 12.48 9.46 -17.64
CA ASN B 13 13.69 10.24 -17.48
C ASN B 13 13.33 11.66 -17.04
N ALA B 14 14.23 12.35 -16.34
CA ALA B 14 13.94 13.70 -15.87
C ALA B 14 15.14 14.37 -15.21
N THR B 15 15.19 15.69 -15.33
CA THR B 15 16.26 16.51 -14.74
C THR B 15 15.86 17.04 -13.36
N LEU B 16 16.60 16.59 -12.35
CA LEU B 16 16.34 16.93 -10.97
C LEU B 16 17.33 17.92 -10.37
N ALA B 17 16.81 19.04 -9.89
CA ALA B 17 17.62 20.06 -9.23
C ALA B 17 18.06 19.40 -7.94
N VAL B 18 19.34 19.46 -7.65
CA VAL B 18 19.84 18.84 -6.45
C VAL B 18 20.71 19.81 -5.68
N GLU B 19 20.23 20.17 -4.50
CA GLU B 19 20.91 21.09 -3.61
C GLU B 19 20.77 20.64 -2.16
N LYS B 20 21.73 21.01 -1.32
CA LYS B 20 21.73 20.65 0.08
C LYS B 20 21.76 21.93 0.94
N GLU B 21 21.03 21.93 2.06
CA GLU B 21 20.99 23.11 2.94
C GLU B 21 22.33 23.33 3.63
N GLY B 22 23.14 24.16 2.99
CA GLY B 22 24.46 24.49 3.50
C GLY B 22 25.22 25.35 2.48
N CYS B 23 25.10 25.03 1.20
CA CYS B 23 25.79 25.79 0.15
C CYS B 23 24.90 26.33 -0.95
N PRO B 24 25.17 27.57 -1.35
CA PRO B 24 24.47 28.31 -2.40
C PRO B 24 24.68 27.84 -3.89
N VAL B 25 25.21 26.64 -4.13
CA VAL B 25 25.41 26.19 -5.52
C VAL B 25 24.50 25.05 -5.96
N CYS B 26 23.27 25.40 -6.31
CA CYS B 26 22.33 24.39 -6.75
C CYS B 26 22.66 23.88 -8.14
N ILE B 27 22.78 22.57 -8.30
CA ILE B 27 23.07 22.04 -9.61
C ILE B 27 21.87 21.23 -10.10
N THR B 28 22.04 20.48 -11.18
CA THR B 28 20.96 19.68 -11.78
C THR B 28 21.48 18.32 -12.30
N VAL B 29 20.67 17.26 -12.14
CA VAL B 29 21.10 15.93 -12.54
C VAL B 29 20.11 15.12 -13.36
N ASN B 30 20.64 14.05 -13.97
CA ASN B 30 19.90 13.07 -14.75
C ASN B 30 19.25 12.11 -13.71
N THR B 31 17.98 11.84 -13.89
CA THR B 31 17.34 11.00 -12.90
C THR B 31 16.02 10.49 -13.41
N THR B 32 15.52 9.47 -12.73
CA THR B 32 14.30 8.82 -13.12
C THR B 32 13.17 8.95 -12.11
N ILE B 33 12.05 9.57 -12.52
CA ILE B 33 10.89 9.73 -11.64
C ILE B 33 9.76 8.85 -12.14
N CYS B 34 8.83 8.50 -11.25
CA CYS B 34 7.71 7.67 -11.64
C CYS B 34 6.66 8.60 -12.16
N ALA B 35 6.02 8.19 -13.24
CA ALA B 35 5.00 9.01 -13.83
C ALA B 35 4.19 8.24 -14.88
N GLY B 36 2.90 8.59 -15.00
CA GLY B 36 2.05 7.91 -15.98
C GLY B 36 0.61 8.15 -15.64
N TYR B 37 -0.26 7.33 -16.22
CA TYR B 37 -1.70 7.39 -16.00
C TYR B 37 -2.13 6.09 -15.33
N CYS B 38 -2.89 6.21 -14.24
CA CYS B 38 -3.33 5.03 -13.49
C CYS B 38 -4.82 4.80 -13.28
N PRO B 39 -5.19 3.53 -12.98
CA PRO B 39 -6.57 3.11 -12.74
C PRO B 39 -7.17 3.56 -11.43
N THR B 40 -8.40 4.06 -11.51
CA THR B 40 -9.15 4.53 -10.36
C THR B 40 -10.61 4.47 -10.79
N MET B 41 -11.52 4.43 -9.82
CA MET B 41 -12.94 4.36 -10.14
C MET B 41 -13.91 4.85 -9.08
N THR B 42 -15.18 4.54 -9.30
CA THR B 42 -16.21 4.96 -8.39
C THR B 42 -17.18 3.84 -7.98
N ARG B 43 -18.10 4.20 -7.08
CA ARG B 43 -19.07 3.34 -6.42
C ARG B 43 -20.47 3.91 -6.65
N VAL B 44 -21.45 3.05 -6.79
CA VAL B 44 -22.81 3.52 -7.08
C VAL B 44 -23.90 3.22 -5.98
N LEU B 45 -23.66 2.32 -5.01
CA LEU B 45 -24.75 1.98 -4.04
C LEU B 45 -24.73 2.27 -2.54
N GLN B 46 -23.73 2.03 -1.74
CA GLN B 46 -24.19 2.47 -0.34
C GLN B 46 -24.11 4.08 -0.47
N GLY B 47 -25.18 4.87 -0.49
CA GLY B 47 -24.82 6.27 -0.87
C GLY B 47 -24.10 7.27 0.07
N VAL B 48 -24.04 6.89 1.29
CA VAL B 48 -23.65 8.00 2.14
C VAL B 48 -22.35 8.80 1.83
N LEU B 49 -21.54 8.15 0.99
CA LEU B 49 -20.30 8.60 0.38
C LEU B 49 -19.58 7.35 -0.10
N PRO B 50 -18.89 7.46 -1.24
CA PRO B 50 -18.14 6.30 -1.80
C PRO B 50 -16.89 6.11 -1.03
N ALA B 51 -16.73 4.90 -0.52
CA ALA B 51 -15.56 4.62 0.26
C ALA B 51 -14.61 3.61 -0.39
N LEU B 52 -14.54 3.65 -1.73
CA LEU B 52 -13.67 2.75 -2.51
C LEU B 52 -12.25 3.34 -2.69
N PRO B 53 -11.21 2.59 -2.30
CA PRO B 53 -9.80 3.01 -2.40
C PRO B 53 -9.31 3.33 -3.80
N GLN B 54 -8.52 4.40 -3.88
CA GLN B 54 -7.97 4.89 -5.14
C GLN B 54 -6.45 4.69 -5.13
N VAL B 55 -5.86 4.56 -6.32
CA VAL B 55 -4.43 4.35 -6.43
C VAL B 55 -3.74 5.45 -7.23
N VAL B 56 -2.54 5.80 -6.77
CA VAL B 56 -1.71 6.82 -7.40
C VAL B 56 -0.38 6.13 -7.71
N CYS B 57 0.31 6.60 -8.76
CA CYS B 57 1.59 6.03 -9.13
C CYS B 57 2.66 6.49 -8.17
N ASN B 58 3.51 5.55 -7.80
CA ASN B 58 4.61 5.74 -6.84
C ASN B 58 5.83 4.95 -7.27
N TYR B 59 6.88 5.07 -6.47
CA TYR B 59 8.13 4.34 -6.70
C TYR B 59 7.89 2.90 -6.23
N ARG B 60 8.74 1.98 -6.67
CA ARG B 60 8.62 0.59 -6.25
C ARG B 60 10.02 0.15 -5.87
N ASP B 61 10.97 0.17 -6.82
CA ASP B 61 12.35 -0.22 -6.56
C ASP B 61 13.24 0.98 -6.81
N VAL B 62 13.95 1.44 -5.80
CA VAL B 62 14.82 2.59 -6.03
C VAL B 62 16.26 2.38 -5.60
N ARG B 63 17.18 3.02 -6.32
CA ARG B 63 18.61 2.97 -6.03
C ARG B 63 19.10 4.40 -5.99
N PHE B 64 20.10 4.67 -5.18
CA PHE B 64 20.60 6.01 -5.05
C PHE B 64 21.96 6.22 -5.67
N GLU B 65 22.25 7.45 -6.10
CA GLU B 65 23.55 7.79 -6.66
C GLU B 65 23.97 9.08 -5.96
N SER B 66 25.22 9.50 -6.15
CA SER B 66 25.70 10.69 -5.47
C SER B 66 26.57 11.59 -6.31
N ILE B 67 26.13 12.82 -6.41
CA ILE B 67 26.85 13.84 -7.15
C ILE B 67 27.30 14.72 -6.00
N ARG B 68 28.54 15.20 -6.02
CA ARG B 68 28.97 16.07 -4.94
C ARG B 68 28.92 17.49 -5.44
N LEU B 69 28.18 18.32 -4.70
CA LEU B 69 27.94 19.74 -4.97
C LEU B 69 29.05 20.63 -4.47
N PRO B 70 30.04 20.94 -5.31
CA PRO B 70 31.04 21.81 -4.68
C PRO B 70 30.86 23.30 -4.89
N GLY B 71 31.39 24.02 -3.90
CA GLY B 71 31.31 25.47 -3.81
C GLY B 71 31.01 25.76 -2.35
N CYS B 72 30.38 24.76 -1.71
CA CYS B 72 29.96 24.74 -0.30
C CYS B 72 31.02 25.20 0.71
N PRO B 73 30.59 25.75 1.85
CA PRO B 73 31.52 26.21 2.89
C PRO B 73 32.21 25.04 3.57
N ARG B 74 33.29 25.28 4.28
CA ARG B 74 33.89 24.16 4.98
C ARG B 74 32.95 23.83 6.12
N GLY B 75 32.63 22.55 6.27
CA GLY B 75 31.74 22.12 7.34
C GLY B 75 30.52 21.45 6.75
N VAL B 76 30.08 21.98 5.61
CA VAL B 76 28.92 21.45 4.90
C VAL B 76 29.34 20.26 4.04
N ASN B 77 28.59 19.17 4.16
CA ASN B 77 28.88 17.98 3.38
C ASN B 77 28.34 18.21 1.99
N PRO B 78 29.22 18.11 0.99
CA PRO B 78 28.91 18.30 -0.43
C PRO B 78 28.09 17.16 -0.93
N VAL B 79 28.65 15.97 -0.76
CA VAL B 79 28.03 14.74 -1.23
C VAL B 79 26.52 14.65 -1.04
N VAL B 80 25.79 14.84 -2.13
CA VAL B 80 24.33 14.76 -2.11
C VAL B 80 23.90 13.49 -2.85
N SER B 81 22.83 12.86 -2.38
CA SER B 81 22.37 11.65 -3.06
C SER B 81 20.97 11.79 -3.62
N TYR B 82 20.85 11.36 -4.89
CA TYR B 82 19.58 11.37 -5.61
C TYR B 82 19.03 9.94 -5.68
N ALA B 83 17.72 9.80 -5.84
CA ALA B 83 17.13 8.48 -5.91
C ALA B 83 16.64 8.15 -7.31
N VAL B 84 17.29 7.19 -7.95
CA VAL B 84 16.92 6.74 -9.29
C VAL B 84 15.76 5.75 -9.16
N ALA B 85 14.74 5.88 -10.00
CA ALA B 85 13.59 4.98 -9.95
C ALA B 85 13.73 3.79 -10.90
N LEU B 86 14.08 2.62 -10.37
CA LEU B 86 14.23 1.42 -11.20
C LEU B 86 12.84 0.91 -11.55
N SER B 87 11.98 0.86 -10.55
CA SER B 87 10.64 0.40 -10.73
C SER B 87 9.61 1.39 -10.24
N CYS B 88 8.52 1.50 -10.99
CA CYS B 88 7.39 2.37 -10.67
C CYS B 88 6.21 1.42 -10.56
N GLN B 89 5.21 1.80 -9.79
CA GLN B 89 4.05 0.93 -9.59
C GLN B 89 2.90 1.72 -9.04
N CYS B 90 1.70 1.19 -9.23
CA CYS B 90 0.53 1.85 -8.72
C CYS B 90 -0.02 1.21 -7.47
N ALA B 91 0.05 1.98 -6.38
CA ALA B 91 -0.41 1.54 -5.08
C ALA B 91 -0.90 2.78 -4.36
N LEU B 92 -1.04 2.66 -3.03
CA LEU B 92 -1.51 3.74 -2.17
C LEU B 92 -0.44 4.77 -1.76
N CYS B 93 -0.89 5.84 -1.10
CA CYS B 93 0.08 6.84 -0.66
C CYS B 93 0.54 6.57 0.77
N ARG B 94 1.84 6.61 1.00
CA ARG B 94 2.39 6.37 2.32
C ARG B 94 2.49 7.67 3.10
N ARG B 95 1.61 7.86 4.07
CA ARG B 95 1.56 9.06 4.91
C ARG B 95 2.94 9.48 5.48
N SER B 96 3.65 8.52 6.06
CA SER B 96 4.95 8.73 6.68
C SER B 96 6.05 9.11 5.72
N THR B 97 6.08 8.50 4.55
CA THR B 97 7.14 8.83 3.64
C THR B 97 6.64 9.46 2.37
N THR B 98 5.47 10.09 2.41
CA THR B 98 4.96 10.69 1.19
C THR B 98 4.05 11.90 1.40
N ASP B 99 4.06 12.79 0.41
CA ASP B 99 3.23 13.99 0.43
C ASP B 99 2.20 13.86 -0.69
N CYS B 100 1.02 13.39 -0.33
CA CYS B 100 -0.07 13.17 -1.28
C CYS B 100 -0.87 14.45 -1.51
N GLY B 101 -1.36 14.64 -2.73
CA GLY B 101 -2.12 15.85 -3.02
C GLY B 101 -2.49 16.08 -4.48
N GLY B 102 -2.07 17.22 -5.01
CA GLY B 102 -2.37 17.57 -6.41
C GLY B 102 -1.10 18.12 -7.04
N PRO B 103 -1.16 18.70 -8.28
CA PRO B 103 0.06 19.27 -8.92
C PRO B 103 0.71 20.34 -8.01
N LYS B 104 1.72 19.93 -7.24
CA LYS B 104 2.39 20.76 -6.21
C LYS B 104 3.18 22.06 -6.41
N ASP B 105 3.55 22.63 -5.25
CA ASP B 105 4.25 23.92 -5.04
C ASP B 105 5.10 24.50 -6.16
N HIS B 106 6.30 23.97 -6.33
CA HIS B 106 7.17 24.40 -7.41
C HIS B 106 7.79 23.20 -8.13
N PRO B 107 7.58 23.14 -9.46
CA PRO B 107 8.16 22.01 -10.20
C PRO B 107 9.69 21.93 -10.07
N LEU B 108 10.22 20.77 -10.43
CA LEU B 108 11.64 20.41 -10.32
C LEU B 108 12.84 21.07 -11.03
N THR B 109 13.37 22.13 -10.42
CA THR B 109 14.57 22.86 -10.89
C THR B 109 15.03 24.00 -9.91
N CYS B 110 16.31 24.38 -10.00
CA CYS B 110 16.94 25.42 -9.16
C CYS B 110 16.66 26.78 -9.74
N ASP B 111 15.93 27.58 -8.97
CA ASP B 111 15.56 28.96 -9.38
C ASP B 111 15.12 28.95 -10.87
N ASP B 112 14.45 28.04 -11.48
N ASP C 1 -13.04 -14.49 -8.45
CA ASP C 1 -12.59 -14.90 -7.08
C ASP C 1 -13.78 -15.18 -6.13
N ILE C 2 -14.65 -16.11 -6.51
CA ILE C 2 -15.81 -16.44 -5.71
C ILE C 2 -16.04 -17.93 -5.65
N GLU C 3 -15.86 -18.49 -4.46
CA GLU C 3 -16.08 -19.90 -4.27
C GLU C 3 -17.29 -20.16 -3.37
N LEU C 4 -18.45 -20.32 -3.99
CA LEU C 4 -19.67 -20.62 -3.25
C LEU C 4 -19.55 -22.09 -2.91
N THR C 5 -19.53 -22.42 -1.63
CA THR C 5 -19.44 -23.81 -1.20
C THR C 5 -20.54 -24.19 -0.22
N GLN C 6 -21.47 -24.99 -0.72
CA GLN C 6 -22.59 -25.46 0.08
C GLN C 6 -22.03 -26.51 1.05
N SER C 7 -22.60 -26.55 2.24
CA SER C 7 -22.18 -27.47 3.30
C SER C 7 -22.73 -28.91 3.21
N PRO C 8 -24.06 -29.10 3.32
CA PRO C 8 -24.63 -30.45 3.27
C PRO C 8 -24.80 -31.01 1.84
N ASP C 9 -23.84 -31.80 1.37
CA ASP C 9 -23.89 -32.38 0.02
C ASP C 9 -25.10 -33.26 -0.35
N SER C 10 -25.66 -33.94 0.65
CA SER C 10 -26.83 -34.83 0.48
C SER C 10 -27.56 -35.01 1.82
N LEU C 11 -28.36 -33.99 2.15
CA LEU C 11 -29.14 -33.94 3.40
C LEU C 11 -30.20 -35.05 3.49
N ALA C 12 -30.00 -35.94 4.47
CA ALA C 12 -30.88 -37.08 4.70
C ALA C 12 -31.84 -36.86 5.86
N VAL C 13 -32.92 -36.14 5.57
CA VAL C 13 -33.94 -35.88 6.57
C VAL C 13 -35.23 -36.46 6.03
N SER C 14 -36.03 -37.02 6.93
CA SER C 14 -37.30 -37.64 6.54
C SER C 14 -38.43 -36.65 6.49
N LEU C 15 -39.61 -37.15 6.16
CA LEU C 15 -40.81 -36.35 6.06
C LEU C 15 -41.11 -35.51 7.31
N GLY C 16 -41.64 -34.30 7.08
CA GLY C 16 -42.00 -33.38 8.15
C GLY C 16 -40.84 -32.93 9.03
N GLN C 17 -39.62 -33.05 8.54
CA GLN C 17 -38.46 -32.67 9.35
C GLN C 17 -37.54 -31.52 8.97
N ARG C 18 -36.78 -31.10 9.99
CA ARG C 18 -35.79 -30.04 9.95
C ARG C 18 -34.98 -30.04 8.67
N ALA C 19 -34.74 -28.85 8.13
CA ALA C 19 -33.94 -28.75 6.92
C ALA C 19 -33.00 -27.55 6.96
N THR C 20 -31.70 -27.82 6.87
CA THR C 20 -30.69 -26.78 6.83
C THR C 20 -29.62 -27.21 5.84
N ILE C 21 -29.34 -26.31 4.91
CA ILE C 21 -28.38 -26.56 3.85
C ILE C 21 -27.62 -25.27 3.49
N SER C 22 -26.72 -24.88 4.38
CA SER C 22 -25.88 -23.69 4.27
C SER C 22 -25.03 -23.61 2.97
N CYS C 23 -24.59 -22.40 2.63
CA CYS C 23 -23.79 -22.12 1.44
C CYS C 23 -22.94 -20.91 1.77
N ARG C 24 -21.63 -21.09 1.84
CA ARG C 24 -20.72 -19.99 2.18
C ARG C 24 -20.04 -19.28 1.00
N ALA C 25 -19.55 -18.05 1.23
CA ALA C 25 -18.89 -17.25 0.16
C ALA C 25 -17.45 -16.79 0.45
N SER C 26 -16.69 -16.68 -0.66
CA SER C 26 -15.27 -16.34 -0.78
C SER C 26 -14.72 -14.93 -0.30
N GLU C 27 -14.38 -14.81 1.00
N ASP C 30 -12.82 -10.77 2.37
CA ASP C 30 -13.30 -9.40 2.73
C ASP C 30 -13.91 -8.60 1.55
N SER C 31 -14.16 -7.32 1.84
CA SER C 31 -14.78 -6.32 0.96
C SER C 31 -14.21 -5.90 -0.42
N TYR C 32 -15.12 -6.00 -1.41
CA TYR C 32 -14.91 -5.70 -2.82
C TYR C 32 -16.31 -5.75 -3.49
N GLY C 33 -16.82 -4.63 -4.02
CA GLY C 33 -18.15 -4.59 -4.65
C GLY C 33 -19.41 -5.08 -3.91
N ASN C 34 -20.61 -4.87 -4.48
CA ASN C 34 -21.87 -5.31 -3.85
C ASN C 34 -22.28 -6.70 -4.30
N SER C 35 -23.23 -7.32 -3.63
CA SER C 35 -23.64 -8.68 -4.01
C SER C 35 -24.95 -9.19 -3.39
N PHE C 36 -25.64 -10.10 -4.08
CA PHE C 36 -26.90 -10.65 -3.55
C PHE C 36 -26.92 -12.16 -3.67
N MET C 37 -27.28 -12.86 -2.61
CA MET C 37 -27.37 -14.33 -2.66
C MET C 37 -28.70 -14.76 -3.28
N GLN C 38 -28.78 -16.03 -3.70
CA GLN C 38 -29.98 -16.57 -4.33
C GLN C 38 -30.06 -18.07 -4.06
N TRP C 39 -31.27 -18.57 -3.80
CA TRP C 39 -31.45 -19.99 -3.56
C TRP C 39 -32.38 -20.54 -4.64
N TYR C 40 -31.88 -21.49 -5.43
CA TYR C 40 -32.64 -22.12 -6.51
C TYR C 40 -32.96 -23.59 -6.24
N GLN C 41 -34.11 -24.03 -6.75
CA GLN C 41 -34.55 -25.42 -6.61
C GLN C 41 -34.71 -26.05 -7.97
N GLN C 42 -33.79 -26.94 -8.32
CA GLN C 42 -33.87 -27.65 -9.58
C GLN C 42 -34.13 -29.10 -9.22
N LYS C 43 -34.90 -29.78 -10.06
CA LYS C 43 -35.22 -31.16 -9.81
C LYS C 43 -34.97 -32.04 -11.03
N PRO C 44 -34.80 -33.36 -10.83
CA PRO C 44 -34.56 -34.28 -11.95
C PRO C 44 -35.68 -34.21 -12.99
N GLY C 45 -35.32 -33.72 -14.16
CA GLY C 45 -36.27 -33.58 -15.23
C GLY C 45 -36.58 -32.12 -15.55
N GLN C 46 -37.04 -31.38 -14.53
CA GLN C 46 -37.41 -29.96 -14.68
C GLN C 46 -36.33 -28.89 -14.39
N PRO C 47 -36.38 -27.76 -15.12
CA PRO C 47 -35.41 -26.66 -14.95
C PRO C 47 -35.47 -26.05 -13.54
N PRO C 48 -34.36 -25.42 -13.08
CA PRO C 48 -34.37 -24.81 -11.76
C PRO C 48 -35.54 -23.84 -11.56
N LYS C 49 -35.75 -23.46 -10.31
CA LYS C 49 -36.84 -22.58 -9.90
C LYS C 49 -36.33 -21.71 -8.74
N LEU C 50 -36.07 -20.43 -9.01
CA LEU C 50 -35.60 -19.53 -7.96
C LEU C 50 -36.56 -19.56 -6.79
N LEU C 51 -36.05 -19.98 -5.63
CA LEU C 51 -36.85 -20.08 -4.43
C LEU C 51 -37.02 -18.76 -3.70
N ILE C 52 -35.95 -18.18 -3.15
CA ILE C 52 -36.11 -16.94 -2.38
C ILE C 52 -35.07 -15.94 -2.86
N TYR C 53 -35.48 -14.69 -3.05
CA TYR C 53 -34.50 -13.76 -3.56
C TYR C 53 -33.77 -13.02 -2.51
N ARG C 54 -32.68 -12.56 -2.98
CA ARG C 54 -31.79 -11.88 -2.19
C ARG C 54 -31.49 -12.83 -1.09
N ALA C 55 -31.32 -12.36 0.10
CA ALA C 55 -30.98 -13.29 1.19
C ALA C 55 -32.21 -13.90 1.85
N SER C 56 -33.28 -13.29 2.16
CA SER C 56 -34.34 -13.82 3.00
C SER C 56 -35.68 -13.74 2.31
N ASN C 57 -35.78 -12.87 1.31
CA ASN C 57 -37.05 -12.70 0.63
C ASN C 57 -37.41 -13.88 -0.26
N LEU C 58 -38.69 -14.10 -0.53
CA LEU C 58 -39.06 -15.20 -1.43
C LEU C 58 -40.04 -14.87 -2.57
N GLU C 59 -40.05 -15.76 -3.56
CA GLU C 59 -40.85 -15.67 -4.79
C GLU C 59 -42.35 -15.94 -4.68
N SER C 60 -43.08 -15.51 -5.71
CA SER C 60 -44.51 -15.73 -5.77
C SER C 60 -44.66 -17.09 -6.38
N GLY C 61 -45.51 -17.88 -5.75
CA GLY C 61 -45.77 -19.24 -6.22
C GLY C 61 -45.10 -20.26 -5.32
N ILE C 62 -44.17 -19.80 -4.49
CA ILE C 62 -43.46 -20.65 -3.55
C ILE C 62 -44.07 -20.50 -2.17
N PRO C 63 -44.24 -21.61 -1.45
CA PRO C 63 -44.82 -21.73 -0.10
C PRO C 63 -44.27 -20.87 1.01
N ALA C 64 -44.91 -21.01 2.16
CA ALA C 64 -44.51 -20.28 3.33
C ALA C 64 -43.23 -20.90 3.89
N ARG C 65 -43.11 -22.21 3.71
CA ARG C 65 -41.97 -22.97 4.20
C ARG C 65 -40.61 -22.38 3.87
N PHE C 66 -40.11 -22.58 2.66
CA PHE C 66 -38.81 -22.06 2.23
C PHE C 66 -38.40 -20.68 2.79
N SER C 67 -37.31 -20.64 3.54
CA SER C 67 -36.80 -19.39 4.11
C SER C 67 -35.26 -19.39 4.12
N GLY C 68 -34.68 -18.19 4.16
CA GLY C 68 -33.24 -18.08 4.20
C GLY C 68 -32.81 -17.07 5.24
N THR C 69 -31.57 -17.16 5.69
CA THR C 69 -31.05 -16.22 6.68
C THR C 69 -29.52 -16.13 6.64
N GLY C 70 -29.02 -14.92 6.58
CA GLY C 70 -27.60 -14.71 6.52
C GLY C 70 -27.33 -13.28 6.15
N SER C 71 -26.08 -12.86 6.23
CA SER C 71 -25.77 -11.48 5.90
C SER C 71 -24.47 -11.32 5.12
N ARG C 72 -23.40 -11.95 5.59
CA ARG C 72 -22.11 -11.82 4.93
C ARG C 72 -21.61 -13.04 4.14
N THR C 73 -21.07 -14.03 4.86
CA THR C 73 -20.51 -15.23 4.22
C THR C 73 -21.30 -16.54 4.27
N ASP C 74 -22.02 -16.80 5.37
CA ASP C 74 -22.76 -18.06 5.51
C ASP C 74 -24.30 -17.95 5.59
N PHE C 75 -24.98 -18.10 4.45
CA PHE C 75 -26.46 -18.03 4.39
C PHE C 75 -27.15 -19.36 4.07
N THR C 76 -28.17 -19.70 4.86
CA THR C 76 -28.90 -20.96 4.73
C THR C 76 -30.37 -20.91 4.34
N LEU C 77 -30.81 -21.98 3.68
CA LEU C 77 -32.17 -22.16 3.19
C LEU C 77 -32.88 -23.20 4.07
N THR C 78 -33.62 -22.75 5.09
CA THR C 78 -34.30 -23.66 6.03
C THR C 78 -35.72 -24.12 5.67
N ILE C 79 -36.04 -25.37 6.01
CA ILE C 79 -37.35 -25.95 5.73
C ILE C 79 -37.97 -26.66 6.95
N ASN C 80 -39.10 -26.14 7.45
CA ASN C 80 -39.79 -26.73 8.60
C ASN C 80 -40.33 -28.12 8.28
N PRO C 81 -41.30 -28.23 7.35
CA PRO C 81 -41.87 -29.53 7.01
C PRO C 81 -41.38 -30.04 5.65
N VAL C 82 -40.40 -30.94 5.66
CA VAL C 82 -39.88 -31.49 4.43
C VAL C 82 -40.91 -32.47 3.88
N GLU C 83 -41.37 -32.26 2.66
CA GLU C 83 -42.36 -33.16 2.12
C GLU C 83 -41.91 -33.91 0.88
N ALA C 84 -42.79 -34.78 0.39
CA ALA C 84 -42.56 -35.62 -0.80
C ALA C 84 -42.42 -34.82 -2.11
N ASP C 85 -43.12 -33.70 -2.20
CA ASP C 85 -43.07 -32.85 -3.40
C ASP C 85 -41.76 -32.05 -3.48
N ASP C 86 -41.20 -31.72 -2.33
CA ASP C 86 -39.95 -30.97 -2.25
C ASP C 86 -38.72 -31.86 -2.44
N VAL C 87 -38.83 -32.85 -3.35
CA VAL C 87 -37.74 -33.82 -3.65
C VAL C 87 -36.72 -33.35 -4.73
N ALA C 88 -35.57 -32.82 -4.30
CA ALA C 88 -34.57 -32.33 -5.26
C ALA C 88 -33.27 -31.72 -4.69
N THR C 89 -32.41 -31.33 -5.62
CA THR C 89 -31.11 -30.72 -5.32
C THR C 89 -31.31 -29.23 -5.24
N TYR C 90 -30.68 -28.58 -4.25
CA TYR C 90 -30.83 -27.13 -4.10
C TYR C 90 -29.52 -26.39 -4.35
N TYR C 91 -29.53 -25.48 -5.31
CA TYR C 91 -28.33 -24.73 -5.66
C TYR C 91 -28.36 -23.30 -5.13
N CYS C 92 -27.29 -22.87 -4.46
CA CYS C 92 -27.24 -21.51 -3.97
C CYS C 92 -26.55 -20.73 -5.07
N GLN C 93 -26.62 -19.40 -4.99
CA GLN C 93 -26.00 -18.56 -6.00
C GLN C 93 -25.68 -17.18 -5.47
N GLN C 94 -24.73 -16.53 -6.11
CA GLN C 94 -24.33 -15.18 -5.72
C GLN C 94 -24.08 -14.30 -6.94
N SER C 95 -24.88 -13.25 -7.04
CA SER C 95 -24.75 -12.28 -8.11
C SER C 95 -23.77 -11.23 -7.59
N ASP C 96 -22.62 -11.09 -8.25
CA ASP C 96 -21.61 -10.13 -7.81
C ASP C 96 -21.56 -8.82 -8.58
N GLU C 97 -20.87 -7.83 -8.01
CA GLU C 97 -20.79 -6.54 -8.67
C GLU C 97 -19.64 -6.39 -9.69
N TYR C 98 -18.48 -5.84 -9.31
CA TYR C 98 -17.43 -5.66 -10.33
C TYR C 98 -16.67 -6.88 -10.85
N PRO C 99 -16.46 -7.89 -9.99
CA PRO C 99 -15.77 -9.03 -10.61
C PRO C 99 -17.02 -9.72 -11.16
N TYR C 100 -17.72 -9.02 -12.06
CA TYR C 100 -18.98 -9.46 -12.65
C TYR C 100 -19.09 -10.90 -13.09
N MET C 101 -20.00 -11.62 -12.45
CA MET C 101 -20.23 -13.03 -12.72
C MET C 101 -21.38 -13.59 -11.88
N TYR C 102 -22.04 -14.62 -12.41
CA TYR C 102 -23.13 -15.28 -11.69
C TYR C 102 -22.59 -16.68 -11.48
N THR C 103 -22.47 -17.07 -10.22
CA THR C 103 -21.90 -18.36 -9.86
C THR C 103 -22.82 -19.26 -9.03
N PHE C 104 -22.66 -20.57 -9.15
CA PHE C 104 -23.44 -21.49 -8.36
C PHE C 104 -22.51 -22.37 -7.52
N GLY C 105 -23.04 -22.95 -6.45
CA GLY C 105 -22.17 -23.74 -5.60
C GLY C 105 -22.27 -25.25 -5.63
N GLY C 106 -23.23 -25.80 -6.37
CA GLY C 106 -23.41 -27.24 -6.40
C GLY C 106 -24.78 -27.57 -5.87
N GLY C 107 -24.93 -28.68 -5.14
CA GLY C 107 -26.25 -28.99 -4.63
C GLY C 107 -26.37 -29.87 -3.41
N THR C 108 -27.26 -29.47 -2.49
CA THR C 108 -27.52 -30.22 -1.26
C THR C 108 -28.70 -31.14 -1.51
N LYS C 109 -28.54 -32.03 -2.49
CA LYS C 109 -29.59 -32.97 -2.86
C LYS C 109 -30.32 -33.49 -1.63
N LEU C 110 -31.63 -33.35 -1.68
CA LEU C 110 -32.44 -33.81 -0.59
C LEU C 110 -33.05 -35.14 -0.96
N GLU C 111 -33.01 -36.06 0.00
CA GLU C 111 -33.60 -37.36 -0.18
C GLU C 111 -34.50 -37.60 1.04
N ILE C 112 -35.80 -37.70 0.79
CA ILE C 112 -36.76 -37.92 1.87
C ILE C 112 -36.77 -39.39 2.31
N LYS C 113 -36.61 -39.63 3.62
CA LYS C 113 -36.57 -41.00 4.20
C LYS C 113 -37.81 -41.88 4.04
N ARG C 114 -37.59 -43.07 3.44
CA ARG C 114 -38.64 -44.07 3.16
C ARG C 114 -39.81 -44.10 4.17
N GLN D 3 -43.50 -17.13 -21.27
CA GLN D 3 -42.95 -18.12 -22.26
C GLN D 3 -41.44 -18.05 -22.45
N LEU D 4 -40.81 -19.22 -22.63
CA LEU D 4 -39.37 -19.35 -22.84
C LEU D 4 -38.97 -20.71 -23.44
N GLN D 5 -39.11 -20.81 -24.76
CA GLN D 5 -38.83 -22.02 -25.54
C GLN D 5 -37.38 -22.23 -25.98
N GLN D 6 -36.59 -22.93 -25.17
CA GLN D 6 -35.17 -23.24 -25.46
C GLN D 6 -35.11 -24.60 -26.14
N SER D 7 -34.53 -24.66 -27.32
CA SER D 7 -34.51 -25.92 -28.05
C SER D 7 -33.14 -26.59 -28.05
N GLY D 8 -33.08 -27.90 -27.75
CA GLY D 8 -31.78 -28.55 -27.76
C GLY D 8 -31.44 -29.99 -28.13
N ALA D 9 -30.80 -30.12 -29.29
CA ALA D 9 -30.30 -31.39 -29.84
C ALA D 9 -28.87 -31.52 -29.26
N GLU D 10 -28.24 -32.68 -29.39
CA GLU D 10 -26.94 -32.85 -28.76
C GLU D 10 -25.73 -33.33 -29.51
N LEU D 11 -25.89 -33.87 -30.70
CA LEU D 11 -24.72 -34.42 -31.34
C LEU D 11 -23.88 -33.63 -32.31
N VAL D 12 -22.55 -33.84 -32.05
CA VAL D 12 -21.61 -33.48 -33.16
C VAL D 12 -20.15 -33.82 -32.86
N LYS D 13 -19.31 -34.40 -33.71
CA LYS D 13 -17.97 -34.82 -33.30
C LYS D 13 -17.16 -33.72 -32.61
N PRO D 14 -15.98 -34.07 -32.08
CA PRO D 14 -15.11 -33.09 -31.42
C PRO D 14 -14.59 -32.13 -32.49
N GLY D 15 -15.51 -31.33 -33.02
CA GLY D 15 -15.18 -30.39 -34.07
C GLY D 15 -15.95 -29.08 -34.01
N ALA D 16 -15.29 -28.12 -34.66
CA ALA D 16 -15.64 -26.71 -34.82
C ALA D 16 -16.92 -25.93 -34.46
N SER D 17 -18.14 -26.39 -34.81
CA SER D 17 -19.29 -25.54 -34.48
C SER D 17 -20.72 -26.07 -34.36
N VAL D 18 -21.30 -25.80 -33.18
CA VAL D 18 -22.68 -26.13 -32.84
C VAL D 18 -23.38 -24.82 -32.50
N LYS D 19 -24.69 -24.77 -32.75
CA LYS D 19 -25.49 -23.60 -32.45
C LYS D 19 -26.56 -23.97 -31.42
N LEU D 20 -27.23 -22.97 -30.87
CA LEU D 20 -28.27 -23.19 -29.87
C LEU D 20 -29.26 -22.04 -29.96
N SER D 21 -30.51 -22.27 -29.54
CA SER D 21 -31.53 -21.23 -29.58
C SER D 21 -32.55 -21.28 -28.44
N CYS D 22 -33.05 -20.10 -28.05
CA CYS D 22 -34.04 -19.97 -26.98
C CYS D 22 -35.16 -19.03 -27.38
N LYS D 23 -36.11 -19.56 -28.15
CA LYS D 23 -37.27 -18.81 -28.60
C LYS D 23 -38.04 -18.38 -27.35
N ALA D 24 -38.75 -17.26 -27.40
CA ALA D 24 -39.50 -16.80 -26.23
C ALA D 24 -40.79 -16.05 -26.55
N SER D 25 -41.73 -16.00 -25.53
CA SER D 25 -42.95 -15.23 -25.78
C SER D 25 -43.64 -14.78 -24.44
N ASP D 26 -44.89 -14.36 -24.62
CA ASP D 26 -45.80 -13.71 -23.57
C ASP D 26 -45.36 -12.38 -23.15
N TYR D 27 -44.58 -11.67 -23.65
CA TYR D 27 -44.46 -10.23 -23.83
C TYR D 27 -42.95 -9.83 -23.99
N THR D 28 -42.87 -8.62 -24.27
CA THR D 28 -41.82 -7.68 -24.50
C THR D 28 -40.31 -8.18 -24.06
N PHE D 29 -39.62 -8.64 -25.14
CA PHE D 29 -38.23 -9.17 -25.12
C PHE D 29 -37.22 -8.03 -24.96
N THR D 30 -37.54 -6.88 -25.52
CA THR D 30 -36.68 -5.71 -25.44
C THR D 30 -36.75 -4.98 -24.09
N SER D 31 -37.10 -5.69 -23.02
CA SER D 31 -37.16 -5.05 -21.70
C SER D 31 -36.38 -5.74 -20.57
N TYR D 32 -36.16 -7.03 -20.68
CA TYR D 32 -35.39 -7.76 -19.67
C TYR D 32 -34.17 -8.39 -20.35
N TRP D 33 -33.13 -8.64 -19.54
CA TRP D 33 -31.89 -9.25 -20.04
C TRP D 33 -32.13 -10.64 -20.66
N MET D 34 -31.05 -11.40 -20.78
CA MET D 34 -31.09 -12.76 -21.33
C MET D 34 -29.70 -13.41 -21.24
N HIS D 35 -29.64 -14.60 -20.66
CA HIS D 35 -28.36 -15.29 -20.55
C HIS D 35 -28.42 -16.79 -20.28
N TRP D 36 -27.59 -17.50 -21.03
CA TRP D 36 -27.41 -18.95 -21.02
C TRP D 36 -26.56 -19.42 -19.85
N VAL D 37 -26.79 -20.66 -19.41
CA VAL D 37 -26.08 -21.30 -18.31
C VAL D 37 -25.80 -22.79 -18.62
N LYS D 38 -24.54 -23.18 -18.52
CA LYS D 38 -24.10 -24.53 -18.83
C LYS D 38 -24.09 -25.47 -17.61
N GLN D 39 -24.74 -26.63 -17.74
CA GLN D 39 -24.74 -27.64 -16.68
C GLN D 39 -24.31 -28.99 -17.19
N ARG D 40 -23.10 -29.34 -16.79
CA ARG D 40 -22.48 -30.62 -17.10
C ARG D 40 -23.12 -31.53 -16.05
N PRO D 41 -23.49 -32.77 -16.44
CA PRO D 41 -24.12 -33.77 -15.58
C PRO D 41 -23.53 -34.02 -14.20
N GLY D 42 -24.42 -34.38 -13.25
CA GLY D 42 -24.05 -34.68 -11.87
C GLY D 42 -23.19 -33.61 -11.23
N GLN D 43 -23.37 -32.38 -11.69
CA GLN D 43 -22.61 -31.25 -11.17
C GLN D 43 -23.46 -29.99 -11.31
N GLY D 44 -23.09 -28.97 -10.55
CA GLY D 44 -23.80 -27.71 -10.59
C GLY D 44 -23.57 -27.03 -11.94
N LEU D 45 -24.38 -26.02 -12.26
CA LEU D 45 -24.22 -25.29 -13.51
C LEU D 45 -23.39 -24.03 -13.26
N GLU D 46 -22.92 -23.43 -14.35
CA GLU D 46 -22.14 -22.21 -14.27
C GLU D 46 -22.42 -21.30 -15.44
N TRP D 47 -22.47 -20.01 -15.12
CA TRP D 47 -22.76 -18.93 -16.03
C TRP D 47 -21.79 -18.85 -17.22
N ILE D 48 -22.34 -18.51 -18.39
CA ILE D 48 -21.55 -18.40 -19.60
C ILE D 48 -21.66 -16.98 -20.25
N GLY D 49 -22.85 -16.39 -20.47
CA GLY D 49 -22.91 -15.08 -21.10
C GLY D 49 -24.25 -14.36 -21.26
N GLU D 50 -24.21 -13.04 -21.05
CA GLU D 50 -25.34 -12.12 -21.10
C GLU D 50 -25.52 -11.38 -22.41
N ILE D 51 -26.72 -10.91 -22.61
CA ILE D 51 -27.03 -10.17 -23.78
C ILE D 51 -28.13 -9.31 -23.48
N ASN D 52 -27.66 -8.10 -23.60
CA ASN D 52 -28.44 -6.99 -23.45
C ASN D 52 -29.29 -7.09 -24.70
N PRO D 53 -30.47 -7.71 -24.57
CA PRO D 53 -31.37 -7.86 -25.70
C PRO D 53 -31.84 -6.54 -26.27
N THR D 54 -31.34 -5.46 -25.68
CA THR D 54 -31.73 -4.14 -26.15
C THR D 54 -30.68 -3.61 -27.15
N ASN D 55 -29.45 -3.41 -26.67
CA ASN D 55 -28.32 -2.94 -27.51
C ASN D 55 -27.75 -4.08 -28.38
N GLY D 56 -27.74 -5.24 -27.75
CA GLY D 56 -27.18 -6.47 -28.27
C GLY D 56 -25.78 -6.76 -27.68
N ARG D 57 -25.29 -5.99 -26.70
CA ARG D 57 -23.93 -6.20 -26.13
C ARG D 57 -23.81 -7.34 -25.19
N THR D 58 -22.60 -7.87 -25.29
CA THR D 58 -22.11 -9.02 -24.64
C THR D 58 -21.27 -8.85 -23.35
N TYR D 59 -21.52 -9.78 -22.39
CA TYR D 59 -20.89 -10.04 -21.04
C TYR D 59 -20.64 -11.55 -20.79
N TYR D 60 -19.44 -11.98 -21.15
CA TYR D 60 -19.00 -13.37 -21.00
C TYR D 60 -18.32 -13.54 -19.63
N ASN D 61 -17.42 -14.52 -19.50
CA ASN D 61 -16.76 -14.72 -18.20
C ASN D 61 -15.36 -15.39 -18.10
N GLU D 62 -14.58 -14.97 -17.10
CA GLU D 62 -13.24 -15.51 -16.79
C GLU D 62 -12.98 -15.39 -15.28
N LYS D 63 -12.71 -16.43 -14.63
N LYS D 67 -14.75 -18.79 -26.18
CA LYS D 67 -15.36 -19.36 -27.41
C LYS D 67 -16.88 -19.61 -27.24
N ALA D 68 -17.65 -18.52 -27.11
CA ALA D 68 -19.13 -18.55 -26.93
C ALA D 68 -19.91 -17.36 -27.56
N THR D 69 -19.49 -16.93 -28.75
CA THR D 69 -20.15 -15.82 -29.45
C THR D 69 -21.69 -15.99 -29.44
N LEU D 70 -22.35 -15.20 -28.60
CA LEU D 70 -23.80 -15.26 -28.47
C LEU D 70 -24.53 -14.17 -29.25
N THR D 71 -25.78 -14.43 -29.57
CA THR D 71 -26.58 -13.52 -30.38
C THR D 71 -28.05 -13.43 -29.97
N VAL D 72 -28.74 -12.45 -30.55
CA VAL D 72 -30.17 -12.22 -30.33
C VAL D 72 -30.80 -11.48 -31.50
N ALA D 73 -32.04 -11.84 -31.79
CA ALA D 73 -32.81 -11.24 -32.89
C ALA D 73 -34.11 -10.68 -32.31
N ALA D 74 -34.19 -9.36 -32.18
CA ALA D 74 -35.40 -8.75 -31.64
C ALA D 74 -36.66 -9.12 -32.43
N SER D 75 -36.47 -9.43 -33.71
CA SER D 75 -37.57 -9.81 -34.59
C SER D 75 -37.97 -11.26 -34.38
N ALA D 76 -36.97 -12.15 -34.32
CA ALA D 76 -37.20 -13.58 -34.11
C ALA D 76 -37.51 -13.90 -32.66
N SER D 77 -37.28 -12.93 -31.78
CA SER D 77 -37.47 -13.08 -30.33
C SER D 77 -36.71 -14.30 -29.85
N THR D 78 -35.38 -14.28 -30.01
CA THR D 78 -34.54 -15.41 -29.59
C THR D 78 -33.04 -15.18 -29.52
N ALA D 79 -32.41 -15.80 -28.52
CA ALA D 79 -30.97 -15.71 -28.33
C ALA D 79 -30.31 -16.88 -29.06
N ALA D 80 -28.98 -16.88 -29.16
CA ALA D 80 -28.28 -17.95 -29.86
C ALA D 80 -26.82 -18.26 -29.45
N MET D 81 -26.63 -19.12 -28.46
CA MET D 81 -25.29 -19.49 -28.02
C MET D 81 -24.62 -20.35 -29.08
N GLN D 82 -23.53 -19.84 -29.64
CA GLN D 82 -22.78 -20.53 -30.69
C GLN D 82 -21.46 -21.09 -30.18
N ALA D 83 -21.44 -22.37 -29.89
CA ALA D 83 -20.23 -23.03 -29.41
C ALA D 83 -19.34 -23.52 -30.56
N SER D 84 -18.03 -23.32 -30.39
CA SER D 84 -17.01 -23.73 -31.37
C SER D 84 -15.93 -24.51 -30.64
N SER D 85 -15.21 -25.39 -31.36
CA SER D 85 -14.19 -26.23 -30.74
C SER D 85 -14.93 -27.16 -29.77
N LEU D 86 -15.87 -27.94 -30.32
CA LEU D 86 -16.69 -28.83 -29.50
C LEU D 86 -16.06 -30.10 -28.96
N THR D 87 -15.43 -30.01 -27.81
CA THR D 87 -14.82 -31.20 -27.24
C THR D 87 -15.57 -31.75 -26.02
N SER D 88 -14.87 -32.57 -25.24
CA SER D 88 -15.39 -33.21 -24.04
C SER D 88 -15.72 -32.16 -22.99
N GLU D 89 -14.78 -31.25 -22.77
CA GLU D 89 -14.89 -30.15 -21.81
C GLU D 89 -16.23 -29.45 -22.03
N ASP D 90 -16.72 -29.55 -23.27
CA ASP D 90 -17.99 -28.97 -23.67
C ASP D 90 -19.04 -30.07 -23.59
N SER D 91 -20.06 -29.89 -24.42
CA SER D 91 -21.10 -30.87 -24.62
C SER D 91 -22.15 -31.36 -23.61
N ALA D 92 -22.69 -30.50 -22.76
CA ALA D 92 -23.69 -30.98 -21.80
C ALA D 92 -25.04 -30.29 -21.96
N VAL D 93 -25.78 -30.20 -20.85
CA VAL D 93 -27.08 -29.56 -20.85
C VAL D 93 -26.96 -28.04 -20.73
N TYR D 94 -27.45 -27.33 -21.74
CA TYR D 94 -27.43 -25.85 -21.80
C TYR D 94 -28.82 -25.18 -21.63
N TYR D 95 -29.05 -24.50 -20.51
CA TYR D 95 -30.33 -23.81 -20.25
C TYR D 95 -30.26 -22.32 -20.60
N CYS D 96 -31.39 -21.74 -21.00
CA CYS D 96 -31.46 -20.30 -21.31
C CYS D 96 -32.35 -19.64 -20.27
N ALA D 97 -31.83 -18.61 -19.58
CA ALA D 97 -32.60 -17.94 -18.54
C ALA D 97 -32.75 -16.43 -18.69
N ARG D 98 -33.65 -15.89 -17.87
CA ARG D 98 -33.99 -14.46 -17.83
C ARG D 98 -33.42 -13.84 -16.53
N ARG D 99 -33.43 -12.52 -16.38
CA ARG D 99 -32.94 -11.82 -15.17
C ARG D 99 -33.97 -10.76 -14.78
N TYR D 100 -34.54 -10.90 -13.58
CA TYR D 100 -35.65 -9.99 -13.19
C TYR D 100 -35.38 -8.99 -11.98
N GLY D 101 -34.32 -8.72 -11.57
CA GLY D 101 -33.95 -8.01 -10.40
C GLY D 101 -32.68 -8.74 -9.96
N ASN D 102 -31.80 -8.98 -10.94
CA ASN D 102 -30.53 -9.48 -10.57
C ASN D 102 -30.55 -11.01 -10.25
N SER D 103 -31.65 -11.54 -10.47
CA SER D 103 -31.83 -12.93 -10.33
C SER D 103 -32.48 -13.37 -11.61
N PHE D 104 -32.66 -14.64 -11.74
CA PHE D 104 -33.31 -15.20 -12.93
C PHE D 104 -34.69 -15.75 -12.55
N ASP D 105 -35.84 -15.21 -12.99
CA ASP D 105 -37.09 -15.87 -12.60
C ASP D 105 -37.58 -17.08 -13.42
N TYR D 106 -37.52 -16.96 -14.75
CA TYR D 106 -37.96 -18.00 -15.71
C TYR D 106 -36.78 -18.75 -16.33
N TRP D 107 -36.94 -20.02 -16.68
CA TRP D 107 -35.85 -20.77 -17.35
C TRP D 107 -36.41 -21.63 -18.50
N GLY D 108 -35.64 -21.80 -19.58
CA GLY D 108 -36.09 -22.63 -20.68
C GLY D 108 -36.16 -24.08 -20.26
N GLN D 109 -36.65 -24.98 -21.13
CA GLN D 109 -36.76 -26.39 -20.78
C GLN D 109 -35.42 -27.13 -20.68
N GLY D 110 -34.43 -26.66 -21.41
CA GLY D 110 -33.14 -27.31 -21.38
C GLY D 110 -32.74 -27.70 -22.77
N THR D 111 -31.48 -28.10 -22.90
CA THR D 111 -30.88 -28.52 -24.16
C THR D 111 -29.65 -29.30 -23.76
N THR D 112 -29.33 -30.33 -24.53
CA THR D 112 -28.17 -31.15 -24.20
C THR D 112 -27.42 -31.31 -25.50
N VAL D 113 -26.09 -31.23 -25.48
CA VAL D 113 -25.31 -31.37 -26.70
C VAL D 113 -24.02 -32.12 -26.48
N THR D 114 -24.00 -33.45 -26.67
CA THR D 114 -22.78 -34.25 -26.47
C THR D 114 -21.80 -34.48 -27.63
N VAL D 115 -20.62 -34.93 -27.25
CA VAL D 115 -19.52 -35.22 -28.17
C VAL D 115 -19.49 -36.73 -28.48
N SER D 116 -18.58 -37.12 -29.37
CA SER D 116 -18.37 -38.53 -29.76
C SER D 116 -16.85 -38.83 -29.88
N SER D 117 -16.50 -39.98 -30.44
CA SER D 117 -15.08 -40.38 -30.63
C SER D 117 -14.59 -40.33 -32.11
N ASP E 1 15.53 17.77 9.53
CA ASP E 1 15.99 16.88 10.62
C ASP E 1 15.75 15.38 10.27
N ILE E 2 16.81 14.72 9.79
CA ILE E 2 16.78 13.29 9.42
C ILE E 2 16.93 12.48 10.70
N GLU E 3 15.81 12.01 11.24
CA GLU E 3 15.79 11.22 12.47
C GLU E 3 16.16 9.77 12.24
N LEU E 4 17.21 9.33 12.91
CA LEU E 4 17.68 7.95 12.82
C LEU E 4 16.93 7.16 13.85
N THR E 5 16.41 6.01 13.45
CA THR E 5 15.64 5.14 14.33
C THR E 5 16.43 3.86 14.60
N GLN E 6 16.85 3.64 15.85
CA GLN E 6 17.62 2.44 16.20
C GLN E 6 16.77 1.38 16.90
N SER E 7 17.05 0.10 16.64
CA SER E 7 16.30 -1.01 17.26
C SER E 7 17.08 -2.31 17.32
N PRO E 8 16.88 -3.12 18.39
CA PRO E 8 15.96 -2.88 19.51
C PRO E 8 16.56 -1.87 20.49
N LYS E 9 15.72 -1.22 21.28
CA LYS E 9 16.24 -0.26 22.26
C LYS E 9 16.96 -0.97 23.40
N SER E 10 16.69 -2.27 23.53
CA SER E 10 17.30 -3.12 24.55
C SER E 10 17.33 -4.56 24.02
N MET E 11 18.38 -5.28 24.40
CA MET E 11 18.55 -6.67 24.00
C MET E 11 19.43 -7.46 24.97
N SER E 12 18.85 -8.51 25.56
CA SER E 12 19.52 -9.41 26.52
C SER E 12 20.15 -10.57 25.74
N MET E 13 21.47 -10.66 25.82
CA MET E 13 22.21 -11.69 25.12
C MET E 13 23.07 -12.56 26.04
N SER E 14 23.68 -13.58 25.43
CA SER E 14 24.54 -14.53 26.11
C SER E 14 25.81 -14.65 25.28
N VAL E 15 26.96 -14.36 25.88
CA VAL E 15 28.25 -14.43 25.20
C VAL E 15 28.35 -15.58 24.14
N GLY E 16 28.84 -15.30 22.94
CA GLY E 16 28.95 -16.32 21.92
C GLY E 16 27.85 -16.28 20.88
N GLU E 17 26.80 -15.52 21.19
CA GLU E 17 25.66 -15.37 20.30
C GLU E 17 25.95 -14.29 19.26
N ARG E 18 25.23 -14.37 18.13
CA ARG E 18 25.36 -13.40 17.06
C ARG E 18 24.28 -12.34 17.23
N VAL E 19 24.71 -11.08 17.24
CA VAL E 19 23.79 -9.97 17.40
C VAL E 19 23.91 -8.96 16.24
N THR E 20 22.77 -8.48 15.75
CA THR E 20 22.78 -7.51 14.66
C THR E 20 21.96 -6.34 15.13
N LEU E 21 22.47 -5.13 14.98
CA LEU E 21 21.70 -3.98 15.42
C LEU E 21 21.32 -3.19 14.17
N SER E 22 20.19 -2.49 14.23
CA SER E 22 19.74 -1.70 13.10
C SER E 22 19.63 -0.21 13.40
N CYS E 23 19.85 0.60 12.37
CA CYS E 23 19.79 2.06 12.44
C CYS E 23 19.27 2.49 11.07
N LYS E 24 18.04 3.02 11.04
CA LYS E 24 17.42 3.42 9.80
C LYS E 24 17.07 4.90 9.71
N ALA E 25 17.52 5.54 8.63
CA ALA E 25 17.28 6.96 8.39
C ALA E 25 15.99 7.18 7.62
N SER E 26 15.33 8.32 7.89
CA SER E 26 14.08 8.69 7.23
C SER E 26 14.25 9.38 5.89
N GLU E 27 15.51 9.53 5.50
CA GLU E 27 15.91 10.14 4.24
C GLU E 27 17.25 9.52 3.91
N THR E 28 17.48 9.26 2.63
CA THR E 28 18.74 8.70 2.19
C THR E 28 19.88 9.51 2.73
N VAL E 29 20.55 8.88 3.60
CA VAL E 29 21.89 9.12 4.12
C VAL E 29 22.90 8.14 3.50
N ASP E 30 23.66 8.67 2.61
CA ASP E 30 24.34 7.74 1.72
C ASP E 30 25.77 7.54 2.16
N SER E 31 26.40 7.12 2.77
CA SER E 31 27.21 6.22 3.58
C SER E 31 27.74 6.89 4.82
N PHE E 32 27.10 7.96 5.23
CA PHE E 32 27.52 8.74 6.38
C PHE E 32 26.95 8.36 7.73
N VAL E 33 26.90 7.06 8.04
CA VAL E 33 26.39 6.56 9.32
C VAL E 33 27.46 5.86 10.12
N SER E 34 27.83 6.41 11.28
CA SER E 34 28.87 5.82 12.14
C SER E 34 28.26 5.20 13.41
N TRP E 35 28.91 4.17 13.97
CA TRP E 35 28.43 3.51 15.18
C TRP E 35 29.35 3.76 16.36
N TYR E 36 28.82 4.29 17.45
CA TYR E 36 29.64 4.59 18.62
C TYR E 36 29.19 3.77 19.81
N GLN E 37 30.07 2.93 20.33
CA GLN E 37 29.74 2.11 21.48
C GLN E 37 30.14 2.81 22.76
N GLN E 38 29.19 2.91 23.71
CA GLN E 38 29.43 3.58 24.98
C GLN E 38 29.28 2.71 26.21
N LYS E 39 30.40 2.46 26.88
CA LYS E 39 30.44 1.65 28.09
C LYS E 39 29.86 2.43 29.28
N PRO E 40 29.54 1.74 30.39
CA PRO E 40 29.00 2.42 31.56
C PRO E 40 29.99 3.41 32.13
N GLU E 41 29.55 4.65 32.15
CA GLU E 41 30.35 5.74 32.65
C GLU E 41 31.62 5.92 31.80
N GLN E 42 31.44 6.39 30.56
CA GLN E 42 32.57 6.63 29.64
C GLN E 42 32.21 7.60 28.51
N SER E 43 33.20 7.89 27.68
CA SER E 43 33.04 8.76 26.52
C SER E 43 32.99 7.80 25.34
N PRO E 44 31.97 7.91 24.50
CA PRO E 44 31.73 7.08 23.31
C PRO E 44 32.95 6.61 22.50
N LYS E 45 32.94 5.34 22.14
CA LYS E 45 34.04 4.78 21.38
C LYS E 45 33.57 4.61 19.96
N LEU E 46 34.23 5.30 19.04
CA LEU E 46 33.85 5.15 17.64
C LEU E 46 34.38 3.79 17.23
N LEU E 47 33.53 2.94 16.67
CA LEU E 47 34.00 1.65 16.25
C LEU E 47 33.83 1.42 14.76
N ILE E 48 33.05 2.27 14.09
CA ILE E 48 32.88 2.16 12.64
C ILE E 48 32.44 3.50 12.06
N PHE E 49 33.05 3.90 10.95
CA PHE E 49 32.69 5.14 10.29
C PHE E 49 32.31 4.75 8.87
N GLY E 50 31.84 5.69 8.04
CA GLY E 50 31.40 5.30 6.71
C GLY E 50 30.27 4.32 7.01
N ALA E 51 29.84 3.49 6.09
CA ALA E 51 28.78 2.55 6.46
C ALA E 51 29.41 1.21 6.90
N SER E 52 30.52 0.88 6.23
CA SER E 52 31.27 -0.36 6.45
C SER E 52 32.66 -0.13 7.02
N ASN E 53 33.21 1.05 6.82
CA ASN E 53 34.55 1.37 7.29
C ASN E 53 34.83 1.19 8.79
N ARG E 54 35.73 0.26 9.12
CA ARG E 54 36.12 -0.09 10.50
C ARG E 54 37.21 0.84 10.99
N PHE E 55 36.97 1.50 12.12
CA PHE E 55 37.96 2.42 12.65
C PHE E 55 39.07 1.61 13.30
N SER E 56 40.32 1.98 13.00
CA SER E 56 41.53 1.31 13.50
C SER E 56 41.55 0.97 14.99
N GLY E 57 41.85 -0.29 15.27
CA GLY E 57 41.91 -0.78 16.65
C GLY E 57 40.67 -1.54 17.08
N VAL E 58 39.72 -1.73 16.15
CA VAL E 58 38.47 -2.44 16.43
C VAL E 58 38.55 -3.92 16.05
N PRO E 59 38.24 -4.82 17.00
CA PRO E 59 38.28 -6.26 16.76
C PRO E 59 37.43 -6.75 15.60
N ASP E 60 38.03 -7.58 14.75
CA ASP E 60 37.41 -8.18 13.57
C ASP E 60 35.92 -8.53 13.68
N ARG E 61 35.47 -8.73 14.91
CA ARG E 61 34.09 -9.11 15.20
C ARG E 61 33.03 -8.10 14.78
N PHE E 62 33.25 -6.84 15.14
CA PHE E 62 32.33 -5.75 14.81
C PHE E 62 32.29 -5.45 13.32
N THR E 63 31.30 -5.97 12.59
CA THR E 63 31.20 -5.69 11.15
C THR E 63 30.09 -4.70 10.86
N GLY E 64 30.35 -3.78 9.92
CA GLY E 64 29.34 -2.80 9.55
C GLY E 64 28.91 -2.94 8.10
N SER E 65 27.79 -2.33 7.76
CA SER E 65 27.29 -2.40 6.39
C SER E 65 26.03 -1.57 6.24
N GLY E 66 25.74 -1.16 5.00
CA GLY E 66 24.55 -0.37 4.75
C GLY E 66 24.60 0.71 3.67
N SER E 67 23.54 0.78 2.87
CA SER E 67 23.45 1.79 1.82
C SER E 67 22.47 2.84 2.29
N ALA E 68 22.17 3.79 1.41
CA ALA E 68 21.25 4.90 1.63
C ALA E 68 20.42 5.13 2.91
N THR E 69 19.48 4.26 3.23
CA THR E 69 18.65 4.50 4.41
C THR E 69 18.64 3.47 5.54
N ASP E 70 19.00 2.22 5.27
CA ASP E 70 19.02 1.14 6.29
C ASP E 70 20.46 0.68 6.61
N PHE E 71 20.83 0.71 7.88
CA PHE E 71 22.19 0.34 8.30
C PHE E 71 22.20 -0.71 9.40
N THR E 72 23.26 -1.53 9.46
CA THR E 72 23.34 -2.57 10.50
C THR E 72 24.72 -2.99 11.02
N LEU E 73 24.93 -2.85 12.33
CA LEU E 73 26.20 -3.22 12.98
C LEU E 73 26.07 -4.61 13.54
N THR E 74 26.83 -5.55 12.99
CA THR E 74 26.76 -6.92 13.45
C THR E 74 28.01 -7.35 14.24
N ILE E 75 27.79 -7.85 15.44
CA ILE E 75 28.87 -8.34 16.27
C ILE E 75 28.72 -9.83 16.03
N SER E 76 29.83 -10.56 15.76
CA SER E 76 29.76 -12.00 15.47
C SER E 76 29.69 -12.91 16.71
N SER E 77 30.75 -12.91 17.50
CA SER E 77 30.79 -13.69 18.74
C SER E 77 31.00 -12.56 19.71
N VAL E 78 29.99 -12.24 20.48
CA VAL E 78 30.14 -11.12 21.40
C VAL E 78 30.65 -11.58 22.72
N GLN E 79 31.67 -10.90 23.25
CA GLN E 79 32.17 -11.32 24.55
C GLN E 79 31.87 -10.29 25.64
N ALA E 80 32.09 -10.70 26.88
CA ALA E 80 31.85 -9.90 28.06
C ALA E 80 32.02 -8.38 28.05
N GLU E 81 32.92 -7.86 27.20
CA GLU E 81 33.21 -6.40 27.13
C GLU E 81 32.40 -5.53 26.16
N ASP E 82 31.61 -6.14 25.26
CA ASP E 82 30.79 -5.37 24.32
C ASP E 82 29.50 -5.11 25.00
N PHE E 83 29.39 -5.48 26.26
CA PHE E 83 28.13 -5.21 26.88
C PHE E 83 28.22 -3.75 27.29
N ALA E 84 27.74 -2.92 26.34
CA ALA E 84 27.66 -1.47 26.40
C ALA E 84 26.52 -0.98 25.48
N ASP E 85 26.30 0.34 25.46
CA ASP E 85 25.27 0.98 24.62
C ASP E 85 25.85 1.17 23.22
N TYR E 86 24.97 1.30 22.23
CA TYR E 86 25.38 1.48 20.85
C TYR E 86 24.52 2.54 20.15
N HIS E 87 25.18 3.50 19.51
CA HIS E 87 24.51 4.57 18.79
C HIS E 87 25.00 4.61 17.37
N CYS E 88 24.26 5.32 16.54
CA CYS E 88 24.59 5.53 15.15
C CYS E 88 24.31 6.99 14.88
N GLY E 89 25.13 7.61 14.04
CA GLY E 89 24.92 9.00 13.71
C GLY E 89 25.15 9.30 12.26
N GLN E 90 24.36 10.22 11.70
CA GLN E 90 24.54 10.62 10.32
C GLN E 90 25.25 11.96 10.33
N THR E 91 26.19 12.13 9.43
CA THR E 91 26.91 13.38 9.32
C THR E 91 26.81 13.76 7.87
N TYR E 92 25.61 13.53 7.31
CA TYR E 92 25.30 13.84 5.92
C TYR E 92 24.72 15.24 5.89
N ASN E 93 23.76 15.51 6.74
CA ASN E 93 23.13 16.81 6.75
C ASN E 93 23.16 17.49 8.11
N HIS E 94 22.93 18.80 8.10
CA HIS E 94 22.86 19.61 9.31
C HIS E 94 21.38 19.73 9.62
N PRO E 95 21.01 19.56 10.89
CA PRO E 95 21.95 19.24 11.97
C PRO E 95 22.45 17.79 11.99
N TYR E 96 23.55 17.56 12.71
CA TYR E 96 24.13 16.22 12.87
C TYR E 96 23.30 15.47 13.93
N THR E 97 22.64 14.39 13.53
CA THR E 97 21.81 13.65 14.48
C THR E 97 22.38 12.27 14.79
N PHE E 98 22.02 11.73 15.96
CA PHE E 98 22.45 10.39 16.39
C PHE E 98 21.18 9.61 16.56
N GLY E 99 21.23 8.47 17.23
CA GLY E 99 20.00 7.69 17.42
C GLY E 99 19.56 7.38 18.83
N GLY E 100 18.51 6.58 18.95
CA GLY E 100 18.02 6.17 20.25
C GLY E 100 19.08 5.37 20.97
N GLY E 101 19.75 4.48 20.24
CA GLY E 101 20.80 3.67 20.82
C GLY E 101 20.34 2.33 21.36
N THR E 102 20.93 1.26 20.87
CA THR E 102 20.63 -0.11 21.32
C THR E 102 21.45 -0.39 22.57
N LYS E 103 20.99 -1.31 23.41
CA LYS E 103 21.72 -1.59 24.61
C LYS E 103 21.87 -3.09 24.72
N LEU E 104 23.11 -3.58 24.67
CA LEU E 104 23.34 -5.01 24.79
C LEU E 104 23.55 -5.44 26.24
N GLU E 105 22.87 -6.51 26.64
CA GLU E 105 22.93 -7.06 28.00
C GLU E 105 23.33 -8.54 28.07
N ILE E 106 23.81 -8.98 29.23
CA ILE E 106 24.22 -10.37 29.42
C ILE E 106 23.06 -11.18 29.98
N LYS E 107 23.33 -12.41 30.43
CA LYS E 107 22.31 -13.32 30.96
C LYS E 107 21.54 -13.91 29.78
N ARG E 108 21.99 -14.95 29.26
N GLN F 1 48.13 10.61 24.30
CA GLN F 1 48.56 12.01 24.57
C GLN F 1 47.69 13.03 23.85
N VAL F 2 46.69 12.57 23.08
CA VAL F 2 45.82 13.53 22.40
C VAL F 2 44.71 13.96 23.37
N GLN F 3 45.10 14.37 24.58
CA GLN F 3 44.12 14.79 25.56
C GLN F 3 43.12 15.78 25.00
N LEU F 4 41.95 15.77 25.60
CA LEU F 4 40.87 16.65 25.23
C LEU F 4 39.94 16.58 26.44
N GLN F 5 40.09 17.51 27.38
CA GLN F 5 39.25 17.51 28.57
C GLN F 5 38.48 18.80 28.77
N GLU F 6 37.27 18.67 29.30
CA GLU F 6 36.39 19.82 29.54
C GLU F 6 36.39 20.20 31.01
N SER F 7 35.90 21.41 31.25
CA SER F 7 35.79 21.99 32.57
C SER F 7 34.74 23.09 32.49
N GLY F 8 33.98 23.28 33.54
CA GLY F 8 32.98 24.32 33.53
C GLY F 8 31.58 23.75 33.59
N GLY F 9 31.17 23.38 34.79
CA GLY F 9 29.84 22.81 34.93
C GLY F 9 29.36 22.82 36.35
N HIS F 10 28.23 23.48 36.56
CA HIS F 10 27.62 23.54 37.88
C HIS F 10 26.16 23.96 37.80
N LEU F 11 25.43 23.60 38.85
CA LEU F 11 24.01 23.88 38.98
C LEU F 11 23.60 25.31 38.69
N VAL F 12 23.00 25.53 37.51
CA VAL F 12 22.53 26.86 37.12
C VAL F 12 21.06 27.02 37.38
N LYS F 13 20.62 28.27 37.36
CA LYS F 13 19.22 28.55 37.56
C LYS F 13 18.61 28.85 36.19
N PRO F 14 17.33 28.46 35.98
CA PRO F 14 16.63 28.69 34.71
C PRO F 14 16.73 30.16 34.33
N GLY F 15 17.38 30.45 33.22
CA GLY F 15 17.51 31.83 32.82
C GLY F 15 18.95 32.29 33.00
N GLY F 16 19.75 31.43 33.63
CA GLY F 16 21.18 31.69 33.88
C GLY F 16 22.14 31.29 32.75
N SER F 17 23.34 31.86 32.77
CA SER F 17 24.32 31.57 31.71
C SER F 17 25.61 30.93 32.21
N LEU F 18 26.04 29.89 31.50
CA LEU F 18 27.28 29.18 31.82
C LEU F 18 28.27 29.32 30.68
N LYS F 19 29.47 28.81 30.86
CA LYS F 19 30.47 28.86 29.81
C LYS F 19 31.45 27.70 29.95
N LEU F 20 31.19 26.63 29.20
CA LEU F 20 32.05 25.45 29.27
C LEU F 20 33.32 25.65 28.46
N SER F 21 34.44 25.12 28.96
CA SER F 21 35.72 25.23 28.29
C SER F 21 36.21 23.81 27.99
N CYS F 22 36.86 23.62 26.84
CA CYS F 22 37.37 22.32 26.41
C CYS F 22 38.80 22.54 25.99
N ALA F 23 39.76 22.06 26.77
CA ALA F 23 41.17 22.27 26.43
C ALA F 23 41.77 21.03 25.77
N ALA F 24 42.38 21.24 24.61
CA ALA F 24 42.96 20.17 23.82
C ALA F 24 44.48 20.00 23.96
N SER F 25 45.03 18.96 23.35
CA SER F 25 46.46 18.72 23.43
C SER F 25 46.78 17.47 22.65
N GLY F 26 48.01 17.41 22.15
CA GLY F 26 48.46 16.22 21.42
C GLY F 26 48.23 16.17 19.92
N PHE F 27 47.38 17.03 19.40
CA PHE F 27 47.07 17.06 17.99
C PHE F 27 46.97 18.49 17.48
N ALA F 28 47.07 18.67 16.17
CA ALA F 28 46.97 20.00 15.61
C ALA F 28 45.52 20.51 15.62
N PHE F 29 45.12 21.04 16.76
CA PHE F 29 43.80 21.61 17.02
C PHE F 29 43.36 22.56 15.90
N SER F 30 44.29 23.38 15.43
CA SER F 30 44.02 24.36 14.39
C SER F 30 43.53 23.87 13.04
N SER F 31 43.69 22.58 12.78
CA SER F 31 43.31 22.00 11.51
C SER F 31 42.05 21.16 11.53
N PHE F 32 41.46 20.96 12.71
CA PHE F 32 40.25 20.16 12.84
C PHE F 32 39.04 20.95 13.27
N ASP F 33 37.88 20.60 12.71
CA ASP F 33 36.66 21.30 13.10
C ASP F 33 36.16 20.76 14.41
N MET F 34 35.97 21.63 15.40
CA MET F 34 35.51 21.19 16.71
C MET F 34 34.01 21.26 16.90
N SER F 35 33.46 20.35 17.72
CA SER F 35 32.02 20.29 18.03
C SER F 35 31.67 19.88 19.47
N TRP F 36 30.53 20.33 19.95
CA TRP F 36 30.07 20.00 21.30
C TRP F 36 28.86 19.08 21.23
N ILE F 37 28.94 17.92 21.85
CA ILE F 37 27.81 17.00 21.85
C ILE F 37 27.42 16.84 23.28
N ARG F 38 26.11 16.84 23.56
CA ARG F 38 25.59 16.65 24.91
C ARG F 38 24.87 15.33 24.96
N GLN F 39 24.86 14.71 26.12
CA GLN F 39 24.14 13.46 26.30
C GLN F 39 23.10 13.72 27.37
N THR F 40 21.84 13.65 26.96
CA THR F 40 20.73 13.90 27.85
C THR F 40 20.62 12.85 28.96
N PRO F 41 19.87 13.15 30.03
CA PRO F 41 19.67 12.23 31.15
C PRO F 41 19.01 10.93 30.71
N GLU F 42 18.33 10.95 29.57
CA GLU F 42 17.66 9.75 29.05
C GLU F 42 18.65 8.97 28.16
N LYS F 43 19.95 9.14 28.44
CA LYS F 43 21.05 8.48 27.74
C LYS F 43 21.08 8.43 26.20
N ARG F 44 20.75 9.56 25.58
CA ARG F 44 20.75 9.72 24.13
C ARG F 44 21.67 10.92 23.80
N LEU F 45 22.37 10.86 22.65
CA LEU F 45 23.27 11.94 22.24
C LEU F 45 22.58 12.97 21.35
N GLU F 46 22.97 14.24 21.47
CA GLU F 46 22.39 15.29 20.64
C GLU F 46 23.53 16.23 20.30
N TRP F 47 23.65 16.64 19.04
CA TRP F 47 24.72 17.57 18.66
C TRP F 47 24.34 19.02 19.00
N VAL F 48 25.32 19.87 19.33
CA VAL F 48 25.00 21.26 19.65
C VAL F 48 25.91 22.39 19.15
N ALA F 49 26.95 22.05 18.38
CA ALA F 49 27.84 23.08 17.85
C ALA F 49 28.91 22.59 16.87
N SER F 50 29.42 23.52 16.07
CA SER F 50 30.47 23.21 15.10
C SER F 50 31.23 24.43 14.69
N ILE F 51 32.43 24.54 15.24
CA ILE F 51 33.33 25.64 14.94
C ILE F 51 34.34 25.05 13.95
N THR F 52 34.60 25.79 12.89
CA THR F 52 35.53 25.33 11.85
C THR F 52 36.87 26.00 12.01
N ASN F 53 37.97 25.28 11.99
CA ASN F 53 39.34 25.80 12.22
C ASN F 53 39.60 27.13 11.56
N VAL F 54 39.88 28.11 12.47
CA VAL F 54 40.10 29.57 12.26
C VAL F 54 38.81 30.05 11.72
N GLY F 55 37.91 29.13 12.07
CA GLY F 55 36.49 29.22 11.73
C GLY F 55 35.55 29.93 12.22
N THR F 56 35.28 30.76 11.32
CA THR F 56 34.31 31.59 11.86
C THR F 56 33.02 31.22 11.19
N TYR F 57 33.07 30.25 10.27
CA TYR F 57 31.81 29.76 9.61
C TYR F 57 31.18 28.89 10.75
N THR F 58 30.06 29.27 11.33
CA THR F 58 29.60 28.43 12.46
C THR F 58 28.18 27.93 12.31
N TYR F 59 28.08 26.63 12.56
CA TYR F 59 26.88 25.82 12.46
C TYR F 59 26.29 25.39 13.79
N TYR F 60 24.99 25.65 13.95
CA TYR F 60 24.28 25.30 15.18
C TYR F 60 22.99 24.55 14.85
N PRO F 61 22.50 23.75 15.80
CA PRO F 61 21.27 22.98 15.65
C PRO F 61 20.11 23.85 16.11
N GLY F 62 19.09 23.94 15.28
CA GLY F 62 17.92 24.76 15.59
C GLY F 62 17.40 24.99 17.01
N SER F 63 17.43 23.99 17.87
CA SER F 63 16.91 24.14 19.22
C SER F 63 17.95 24.59 20.21
N VAL F 64 18.91 25.37 19.71
CA VAL F 64 20.00 25.86 20.53
C VAL F 64 20.38 27.26 20.05
N LYS F 65 20.13 27.52 18.77
CA LYS F 65 20.44 28.80 18.15
C LYS F 65 19.92 29.97 18.97
N GLY F 66 20.70 31.05 19.06
CA GLY F 66 20.27 32.21 19.83
C GLY F 66 20.63 32.21 21.30
N ARG F 67 21.15 31.08 21.79
CA ARG F 67 21.53 30.98 23.19
C ARG F 67 22.95 30.46 23.33
N PHE F 68 23.33 29.47 22.54
CA PHE F 68 24.67 28.91 22.64
C PHE F 68 25.56 29.48 21.57
N SER F 69 26.72 30.00 21.98
CA SER F 69 27.66 30.56 21.02
C SER F 69 29.02 29.94 21.22
N ILE F 70 29.51 29.23 20.20
CA ILE F 70 30.80 28.54 20.24
C ILE F 70 31.93 29.49 19.87
N SER F 71 33.10 29.28 20.47
CA SER F 71 34.28 30.11 20.24
C SER F 71 35.49 29.21 20.01
N ARG F 72 36.69 29.79 19.89
CA ARG F 72 37.89 28.96 19.66
C ARG F 72 39.25 29.65 19.68
N ASP F 73 40.14 29.20 20.56
CA ASP F 73 41.47 29.80 20.67
C ASP F 73 42.54 28.86 20.11
N ASN F 74 42.93 29.04 18.86
CA ASN F 74 43.94 28.17 18.29
C ASN F 74 45.31 28.42 18.89
N ALA F 75 45.38 29.45 19.73
CA ALA F 75 46.63 29.84 20.38
C ALA F 75 46.82 29.13 21.72
N ARG F 76 45.73 28.99 22.46
CA ARG F 76 45.73 28.35 23.76
C ARG F 76 45.27 26.89 23.65
N ASN F 77 44.83 26.50 22.45
CA ASN F 77 44.33 25.16 22.19
C ASN F 77 43.14 24.87 23.10
N THR F 78 42.12 25.70 22.97
CA THR F 78 40.94 25.54 23.77
C THR F 78 39.75 25.80 22.87
N LEU F 79 38.58 25.37 23.35
CA LEU F 79 37.30 25.52 22.68
C LEU F 79 36.27 25.76 23.76
N ASN F 80 35.51 26.84 23.65
CA ASN F 80 34.46 27.07 24.63
C ASN F 80 33.11 27.39 24.04
N LEU F 81 32.10 27.29 24.89
CA LEU F 81 30.71 27.51 24.53
C LEU F 81 30.01 28.33 25.62
N GLN F 82 29.46 29.48 25.26
CA GLN F 82 28.74 30.34 26.20
C GLN F 82 27.25 30.05 26.15
N MET F 83 26.80 29.10 26.99
CA MET F 83 25.40 28.74 27.08
C MET F 83 24.70 29.90 27.76
N SER F 84 23.66 30.42 27.13
CA SER F 84 23.00 31.58 27.71
C SER F 84 21.68 31.35 28.43
N SER F 85 20.60 31.36 27.68
CA SER F 85 19.25 31.21 28.22
C SER F 85 18.87 29.76 28.46
N LEU F 86 19.70 29.03 29.20
CA LEU F 86 19.46 27.61 29.44
C LEU F 86 18.25 27.15 30.24
N ARG F 87 17.40 26.34 29.59
CA ARG F 87 16.18 25.79 30.20
C ARG F 87 16.52 24.50 30.98
N SER F 88 15.49 23.78 31.42
CA SER F 88 15.68 22.53 32.17
C SER F 88 16.05 21.38 31.23
N GLU F 89 15.83 21.61 29.95
CA GLU F 89 16.10 20.61 28.94
C GLU F 89 17.58 20.49 28.68
N ASP F 90 18.30 21.55 29.02
CA ASP F 90 19.74 21.56 28.78
C ASP F 90 20.55 20.74 29.78
N THR F 91 19.92 20.29 30.86
CA THR F 91 20.62 19.49 31.87
C THR F 91 21.12 18.22 31.19
N ALA F 92 22.43 18.14 30.99
CA ALA F 92 23.04 16.98 30.32
C ALA F 92 24.56 16.94 30.44
N LEU F 93 25.15 15.85 29.95
CA LEU F 93 26.57 15.66 29.98
C LEU F 93 27.10 16.37 28.74
N TYR F 94 28.20 17.11 28.88
CA TYR F 94 28.76 17.83 27.74
C TYR F 94 30.16 17.44 27.33
N PHE F 95 30.25 16.69 26.22
CA PHE F 95 31.51 16.23 25.66
C PHE F 95 31.92 17.13 24.51
N CYS F 96 33.22 17.38 24.38
CA CYS F 96 33.71 18.17 23.27
C CYS F 96 34.53 17.20 22.46
N ALA F 97 34.01 16.86 21.27
CA ALA F 97 34.63 15.90 20.35
C ALA F 97 35.19 16.58 19.12
N ARG F 98 36.08 15.92 18.40
CA ARG F 98 36.60 16.52 17.18
C ARG F 98 35.93 15.88 15.97
N GLN F 99 36.41 16.21 14.60
CA GLN F 99 35.54 15.73 13.50
C GLN F 99 36.36 15.11 12.33
N GLY F 100 35.52 14.48 11.47
CA GLY F 100 35.85 13.75 10.19
C GLY F 100 37.35 13.49 9.95
N THR F 101 37.87 14.24 9.03
CA THR F 101 39.29 14.24 8.65
C THR F 101 39.56 15.67 8.29
N ALA F 102 40.65 16.18 8.75
CA ALA F 102 40.99 17.58 8.52
C ALA F 102 40.59 18.06 7.12
N ALA F 103 40.69 17.18 6.13
CA ALA F 103 40.33 17.55 4.74
C ALA F 103 38.81 17.69 4.62
N GLN F 104 38.14 16.61 4.97
CA GLN F 104 36.67 16.54 4.94
C GLN F 104 36.11 16.35 6.35
N PRO F 105 35.83 17.42 7.07
CA PRO F 105 35.31 17.46 8.45
C PRO F 105 33.87 16.98 8.62
N TYR F 106 33.39 16.14 7.72
CA TYR F 106 32.04 15.62 7.81
C TYR F 106 31.99 14.10 7.93
N TRP F 107 33.13 13.49 8.23
CA TRP F 107 33.18 12.06 8.37
C TRP F 107 32.93 11.71 9.85
N TYR F 108 33.76 10.85 10.44
CA TYR F 108 33.58 10.44 11.82
C TYR F 108 33.77 11.44 12.96
N PHE F 109 33.12 11.19 14.06
CA PHE F 109 33.28 12.04 15.25
C PHE F 109 34.34 11.35 16.08
N ASP F 110 35.50 11.96 16.23
CA ASP F 110 36.59 11.35 16.97
C ASP F 110 36.77 11.62 18.44
N VAL F 111 38.02 11.50 18.93
CA VAL F 111 38.36 11.73 20.35
C VAL F 111 37.41 12.72 21.02
N TRP F 112 36.42 12.13 21.68
CA TRP F 112 35.42 12.82 22.42
C TRP F 112 36.09 13.43 23.62
N GLY F 113 35.31 14.02 24.50
CA GLY F 113 35.93 14.57 25.67
C GLY F 113 35.78 13.54 26.77
N ALA F 114 35.46 14.03 27.96
CA ALA F 114 35.25 13.18 29.09
C ALA F 114 33.90 13.55 29.64
N GLY F 115 33.49 14.80 29.41
CA GLY F 115 32.20 15.27 29.87
C GLY F 115 32.24 16.17 31.06
N THR F 116 31.34 17.16 31.08
CA THR F 116 31.21 18.14 32.16
C THR F 116 29.74 18.18 32.47
N THR F 117 29.34 17.80 33.68
CA THR F 117 27.91 17.80 34.03
C THR F 117 27.29 19.16 34.29
N VAL F 118 26.16 19.41 33.65
CA VAL F 118 25.42 20.66 33.82
C VAL F 118 24.00 20.31 34.27
N THR F 119 23.60 20.76 35.44
CA THR F 119 22.27 20.46 35.94
C THR F 119 21.52 21.74 36.27
N VAL F 120 20.18 21.67 36.15
CA VAL F 120 19.26 22.80 36.40
C VAL F 120 17.98 22.34 37.13
N SER F 121 17.85 22.59 38.35
#